data_3TZL
#
_entry.id   3TZL
#
_cell.length_a   66.777
_cell.length_b   50.629
_cell.length_c   105.915
_cell.angle_alpha   90.00
_cell.angle_beta   107.00
_cell.angle_gamma   90.00
#
_symmetry.space_group_name_H-M   'P 1 21 1'
#
loop_
_entity.id
_entity.type
_entity.pdbx_description
1 polymer 'Tryptophanyl-tRNA synthetase'
2 non-polymer "ADENOSINE-5'-DIPHOSPHATE"
3 non-polymer TRYPTOPHAN
4 non-polymer 'PHOSPHATE ION'
5 non-polymer 'SODIUM ION'
6 water water
#
_entity_poly.entity_id   1
_entity_poly.type   'polypeptide(L)'
_entity_poly.pdbx_seq_one_letter_code
;SNA(MSE)RVLTGLQPSGDLHIGNYFGAIKQ(MSE)VDAQEKSQ(MSE)F(MSE)FIANYHA(MSE)TSSQDGEKLKQNS
LKAAAAFLSLGIDPQKSVFWLQSDVKEV(MSE)ELYWILSQFTP(MSE)GLLERAHSYKDKVAKGLSASHGLFSYPVL
(MSE)AADILLFDTRIVPVGKDQIQHVEIARDIALKVNNEWGEIFTLPEARVNEEVAVVVGTDGAK(MSE)SKSYQNTID
IFSSEKTLKKQISSIVTDSTALEDPKDHENCNIFKIAKLFLDESGQKELQIRYEKGGEGYGHFKIYLNELVNAYFKEARE
KYNELLEKPSHLKEILDFGATKARKIAQEK(MSE)QKIYEKIGL
;
_entity_poly.pdbx_strand_id   A,B
#
loop_
_chem_comp.id
_chem_comp.type
_chem_comp.name
_chem_comp.formula
ADP non-polymer ADENOSINE-5'-DIPHOSPHATE 'C10 H15 N5 O10 P2'
NA non-polymer 'SODIUM ION' 'Na 1'
PO4 non-polymer 'PHOSPHATE ION' 'O4 P -3'
#
# COMPACT_ATOMS: atom_id res chain seq x y z
N MSE A 4 -7.17 27.03 -6.03
CA MSE A 4 -6.98 25.83 -6.83
C MSE A 4 -5.55 25.30 -6.72
O MSE A 4 -4.66 25.72 -7.45
CB MSE A 4 -7.28 26.11 -8.31
CG MSE A 4 -8.63 26.73 -8.54
SE MSE A 4 -9.35 26.13 -10.23
CE MSE A 4 -7.76 26.31 -11.33
N ARG A 5 -5.33 24.36 -5.80
CA ARG A 5 -4.00 23.79 -5.64
C ARG A 5 -3.57 23.04 -6.91
N VAL A 6 -2.38 23.36 -7.40
CA VAL A 6 -1.73 22.67 -8.52
C VAL A 6 -0.69 21.67 -7.98
N LEU A 7 -0.83 20.39 -8.31
CA LEU A 7 0.16 19.39 -7.89
C LEU A 7 0.73 18.58 -9.05
N THR A 8 2.05 18.50 -9.09
CA THR A 8 2.73 17.78 -10.16
C THR A 8 3.70 16.75 -9.60
N GLY A 9 3.52 15.48 -9.97
CA GLY A 9 4.51 14.47 -9.67
C GLY A 9 5.54 14.45 -10.77
N LEU A 10 6.81 14.28 -10.41
CA LEU A 10 7.88 14.30 -11.39
C LEU A 10 8.65 12.98 -11.40
N GLN A 11 8.68 12.32 -12.56
CA GLN A 11 9.45 11.10 -12.74
C GLN A 11 10.94 11.35 -12.53
N PRO A 12 11.59 10.51 -11.72
CA PRO A 12 13.05 10.63 -11.58
C PRO A 12 13.82 9.81 -12.63
N SER A 13 13.12 9.00 -13.41
CA SER A 13 13.77 8.13 -14.38
C SER A 13 14.38 8.90 -15.56
N GLY A 14 15.70 8.81 -15.72
CA GLY A 14 16.35 9.30 -16.92
C GLY A 14 16.74 10.78 -16.92
N ASP A 15 17.51 11.18 -17.94
CA ASP A 15 18.03 12.53 -18.04
C ASP A 15 17.01 13.51 -18.61
N LEU A 16 16.91 14.69 -18.01
CA LEU A 16 16.04 15.72 -18.55
C LEU A 16 16.61 16.23 -19.89
N HIS A 17 15.71 16.46 -20.85
CA HIS A 17 16.11 16.99 -22.17
C HIS A 17 15.39 18.29 -22.50
N ILE A 18 15.82 18.97 -23.55
CA ILE A 18 15.30 20.32 -23.78
C ILE A 18 13.80 20.31 -24.08
N GLY A 19 13.29 19.17 -24.55
CA GLY A 19 11.87 19.02 -24.77
C GLY A 19 11.10 19.09 -23.46
N ASN A 20 11.63 18.42 -22.41
CA ASN A 20 11.05 18.53 -21.07
C ASN A 20 11.08 19.96 -20.63
N TYR A 21 12.19 20.64 -20.93
CA TYR A 21 12.36 21.98 -20.41
C TYR A 21 11.36 22.96 -21.04
N PHE A 22 11.35 23.04 -22.36
CA PHE A 22 10.50 24.01 -23.05
C PHE A 22 9.04 23.57 -23.12
N GLY A 23 8.80 22.27 -22.95
CA GLY A 23 7.47 21.73 -23.06
C GLY A 23 6.68 21.66 -21.76
N ALA A 24 7.37 21.82 -20.63
CA ALA A 24 6.70 21.72 -19.34
C ALA A 24 7.42 22.41 -18.18
N ILE A 25 8.70 22.13 -18.03
CA ILE A 25 9.41 22.59 -16.83
C ILE A 25 9.47 24.11 -16.70
N LYS A 26 9.71 24.80 -17.81
CA LYS A 26 9.82 26.25 -17.80
C LYS A 26 8.50 26.88 -17.37
N GLN A 27 7.40 26.33 -17.85
CA GLN A 27 6.07 26.82 -17.49
C GLN A 27 5.81 26.61 -15.99
N MSE A 28 6.20 25.44 -15.50
CA MSE A 28 6.08 25.12 -14.08
C MSE A 28 6.86 26.11 -13.23
O MSE A 28 6.33 26.70 -12.31
CB MSE A 28 6.58 23.69 -13.83
CG MSE A 28 6.26 23.14 -12.47
SE MSE A 28 7.06 21.38 -12.24
CE MSE A 28 8.96 21.87 -12.43
N VAL A 29 8.13 26.32 -13.56
CA VAL A 29 8.94 27.29 -12.83
C VAL A 29 8.32 28.71 -12.84
N ASP A 30 7.86 29.16 -14.00
CA ASP A 30 7.34 30.53 -14.12
C ASP A 30 5.98 30.72 -13.46
N ALA A 31 5.35 29.63 -13.05
CA ALA A 31 4.04 29.69 -12.43
C ALA A 31 4.12 29.84 -10.90
N GLN A 32 5.35 29.81 -10.35
CA GLN A 32 5.54 29.73 -8.89
C GLN A 32 5.11 30.98 -8.10
N GLU A 33 5.05 32.12 -8.77
CA GLU A 33 4.58 33.35 -8.10
C GLU A 33 3.05 33.45 -8.09
N LYS A 34 2.40 32.73 -8.99
CA LYS A 34 0.93 32.76 -9.12
C LYS A 34 0.20 32.07 -7.97
N SER A 35 0.79 31.00 -7.43
CA SER A 35 0.19 30.30 -6.31
C SER A 35 1.24 29.42 -5.65
N GLN A 36 0.90 28.85 -4.50
CA GLN A 36 1.78 27.90 -3.85
C GLN A 36 1.67 26.55 -4.55
N MSE A 37 2.72 26.17 -5.25
CA MSE A 37 2.67 24.93 -5.99
C MSE A 37 3.35 23.78 -5.28
O MSE A 37 4.29 23.97 -4.52
CB MSE A 37 3.23 25.12 -7.38
CG MSE A 37 2.29 25.95 -8.22
SE MSE A 37 2.74 25.75 -10.05
CE MSE A 37 4.46 26.57 -9.89
N PHE A 38 2.81 22.59 -5.54
CA PHE A 38 3.29 21.36 -4.96
C PHE A 38 3.91 20.51 -6.05
N MSE A 39 5.16 20.12 -5.85
CA MSE A 39 5.86 19.27 -6.80
C MSE A 39 6.66 18.25 -6.02
O MSE A 39 7.31 18.58 -5.04
CB MSE A 39 6.80 20.10 -7.68
CG MSE A 39 6.13 20.93 -8.76
SE MSE A 39 6.99 22.66 -8.78
CE MSE A 39 6.87 22.85 -6.91
N PHE A 40 6.62 17.00 -6.45
CA PHE A 40 7.36 15.95 -5.76
C PHE A 40 8.03 15.01 -6.76
N ILE A 41 9.25 14.59 -6.42
CA ILE A 41 9.92 13.53 -7.17
C ILE A 41 9.23 12.23 -6.84
N ALA A 42 8.66 11.56 -7.83
CA ALA A 42 7.86 10.36 -7.57
C ALA A 42 8.70 9.07 -7.55
N ASN A 43 9.49 8.87 -6.51
CA ASN A 43 10.36 7.70 -6.44
C ASN A 43 9.71 6.36 -6.05
N TYR A 44 8.53 6.40 -5.40
CA TYR A 44 7.78 5.15 -5.21
C TYR A 44 7.34 4.64 -6.58
N HIS A 45 6.86 5.55 -7.42
CA HIS A 45 6.40 5.14 -8.76
C HIS A 45 7.54 4.62 -9.64
N ALA A 46 8.75 5.15 -9.43
CA ALA A 46 9.92 4.70 -10.17
C ALA A 46 10.26 3.26 -9.89
N MSE A 47 9.82 2.73 -8.75
CA MSE A 47 10.07 1.31 -8.42
C MSE A 47 9.26 0.34 -9.26
O MSE A 47 9.49 -0.87 -9.20
CB MSE A 47 9.75 1.05 -6.95
CG MSE A 47 10.57 1.83 -5.96
SE MSE A 47 9.88 1.75 -4.12
CE MSE A 47 11.20 2.95 -3.34
N THR A 48 8.28 0.83 -10.00
CA THR A 48 7.48 -0.08 -10.84
C THR A 48 8.25 -0.50 -12.10
N SER A 49 9.31 0.23 -12.44
CA SER A 49 10.07 -0.10 -13.66
C SER A 49 11.51 -0.55 -13.40
N SER A 50 11.93 -0.52 -12.13
CA SER A 50 13.25 -1.00 -11.75
C SER A 50 13.34 -1.22 -10.23
N GLN A 51 14.07 -2.25 -9.82
CA GLN A 51 14.39 -2.50 -8.42
C GLN A 51 15.91 -2.48 -8.19
N ASP A 52 16.63 -1.76 -9.05
CA ASP A 52 18.07 -1.55 -8.86
C ASP A 52 18.23 -0.32 -7.97
N GLY A 53 18.38 -0.56 -6.68
CA GLY A 53 18.30 0.50 -5.68
C GLY A 53 19.39 1.56 -5.77
N GLU A 54 20.57 1.14 -6.19
CA GLU A 54 21.69 2.05 -6.26
C GLU A 54 21.42 3.09 -7.36
N LYS A 55 20.87 2.61 -8.48
CA LYS A 55 20.49 3.46 -9.58
C LYS A 55 19.29 4.34 -9.23
N LEU A 56 18.25 3.73 -8.64
CA LEU A 56 17.03 4.46 -8.26
C LEU A 56 17.37 5.61 -7.33
N LYS A 57 18.27 5.34 -6.40
CA LYS A 57 18.67 6.32 -5.41
C LYS A 57 19.40 7.51 -6.03
N GLN A 58 20.28 7.24 -6.99
CA GLN A 58 20.98 8.30 -7.71
C GLN A 58 20.06 9.04 -8.65
N ASN A 59 19.13 8.33 -9.27
CA ASN A 59 18.14 8.97 -10.11
C ASN A 59 17.34 10.00 -9.32
N SER A 60 17.03 9.68 -8.06
CA SER A 60 16.27 10.61 -7.24
C SER A 60 17.08 11.85 -6.87
N LEU A 61 18.34 11.65 -6.50
CA LEU A 61 19.21 12.78 -6.19
C LEU A 61 19.35 13.68 -7.39
N LYS A 62 19.62 13.08 -8.55
CA LYS A 62 19.85 13.85 -9.76
C LYS A 62 18.61 14.66 -10.17
N ALA A 63 17.44 14.03 -10.08
CA ALA A 63 16.19 14.72 -10.40
C ALA A 63 15.96 15.93 -9.47
N ALA A 64 16.21 15.74 -8.17
CA ALA A 64 16.11 16.84 -7.21
C ALA A 64 17.01 17.99 -7.62
N ALA A 65 18.25 17.64 -7.95
CA ALA A 65 19.23 18.66 -8.30
C ALA A 65 18.83 19.34 -9.62
N ALA A 66 18.35 18.56 -10.58
CA ALA A 66 17.97 19.12 -11.88
C ALA A 66 16.84 20.13 -11.74
N PHE A 67 15.79 19.79 -11.01
CA PHE A 67 14.64 20.69 -10.94
C PHE A 67 14.94 21.94 -10.12
N LEU A 68 15.74 21.79 -9.08
CA LEU A 68 16.14 22.95 -8.30
C LEU A 68 16.98 23.88 -9.18
N SER A 69 17.89 23.29 -9.94
CA SER A 69 18.83 24.07 -10.70
C SER A 69 18.12 24.74 -11.87
N LEU A 70 16.98 24.20 -12.27
CA LEU A 70 16.19 24.79 -13.35
C LEU A 70 15.17 25.82 -12.85
N GLY A 71 15.14 26.06 -11.55
CA GLY A 71 14.37 27.16 -11.02
C GLY A 71 13.29 26.85 -9.98
N ILE A 72 13.14 25.60 -9.57
CA ILE A 72 12.21 25.31 -8.48
C ILE A 72 12.68 26.01 -7.21
N ASP A 73 11.77 26.74 -6.59
CA ASP A 73 12.10 27.56 -5.42
C ASP A 73 11.43 26.95 -4.20
N PRO A 74 12.22 26.28 -3.36
CA PRO A 74 11.68 25.53 -2.21
C PRO A 74 11.02 26.42 -1.15
N GLN A 75 11.32 27.71 -1.22
CA GLN A 75 10.70 28.69 -0.34
C GLN A 75 9.27 29.01 -0.77
N LYS A 76 9.08 29.23 -2.07
CA LYS A 76 7.77 29.55 -2.61
C LYS A 76 6.91 28.31 -2.69
N SER A 77 7.53 27.24 -3.18
CA SER A 77 6.83 26.02 -3.49
C SER A 77 6.94 25.03 -2.34
N VAL A 78 6.29 23.89 -2.51
CA VAL A 78 6.46 22.75 -1.62
C VAL A 78 6.97 21.61 -2.48
N PHE A 79 8.25 21.29 -2.31
CA PHE A 79 8.97 20.37 -3.19
C PHE A 79 9.63 19.29 -2.35
N TRP A 80 9.29 18.05 -2.61
CA TRP A 80 9.81 16.97 -1.79
C TRP A 80 9.98 15.66 -2.55
N LEU A 81 10.52 14.68 -1.84
CA LEU A 81 10.65 13.33 -2.33
C LEU A 81 9.49 12.49 -1.81
N GLN A 82 8.77 11.85 -2.72
CA GLN A 82 7.56 11.08 -2.39
C GLN A 82 7.72 10.23 -1.13
N SER A 83 8.82 9.49 -1.06
CA SER A 83 9.07 8.48 -0.03
C SER A 83 9.35 9.06 1.36
N ASP A 84 9.58 10.37 1.43
CA ASP A 84 9.74 11.05 2.73
C ASP A 84 8.39 11.32 3.39
N VAL A 85 7.31 11.35 2.62
CA VAL A 85 5.98 11.55 3.23
C VAL A 85 5.21 10.24 3.17
N LYS A 86 5.38 9.41 4.19
CA LYS A 86 4.95 8.02 4.11
C LYS A 86 3.43 7.82 4.25
N GLU A 87 2.73 8.89 4.61
CA GLU A 87 1.28 8.88 4.75
C GLU A 87 0.59 8.45 3.45
N VAL A 88 1.20 8.80 2.31
CA VAL A 88 0.63 8.43 1.03
C VAL A 88 0.44 6.91 0.88
N MSE A 89 1.26 6.13 1.60
CA MSE A 89 1.13 4.66 1.54
C MSE A 89 -0.14 4.13 2.17
O MSE A 89 -0.77 3.23 1.65
CB MSE A 89 2.32 3.99 2.22
CG MSE A 89 3.58 4.16 1.47
SE MSE A 89 3.91 2.82 0.09
CE MSE A 89 2.35 2.79 -1.02
N GLU A 90 -0.48 4.71 3.31
CA GLU A 90 -1.64 4.28 4.04
C GLU A 90 -2.90 4.69 3.28
N LEU A 91 -2.87 5.87 2.67
CA LEU A 91 -4.04 6.35 1.94
C LEU A 91 -4.24 5.50 0.69
N TYR A 92 -3.13 5.17 0.03
CA TYR A 92 -3.12 4.17 -1.02
C TYR A 92 -3.92 2.91 -0.66
N TRP A 93 -3.59 2.27 0.46
CA TRP A 93 -4.34 1.08 0.91
C TRP A 93 -5.84 1.38 1.15
N ILE A 94 -6.13 2.52 1.77
CA ILE A 94 -7.51 2.90 2.03
C ILE A 94 -8.28 3.15 0.73
N LEU A 95 -7.66 3.88 -0.19
CA LEU A 95 -8.30 4.12 -1.47
C LEU A 95 -8.57 2.84 -2.26
N SER A 96 -7.77 1.79 -2.05
CA SER A 96 -8.00 0.53 -2.80
C SER A 96 -9.34 -0.07 -2.43
N GLN A 97 -9.88 0.32 -1.28
CA GLN A 97 -11.11 -0.33 -0.82
C GLN A 97 -12.26 0.31 -1.56
N PHE A 98 -11.98 1.44 -2.20
CA PHE A 98 -12.98 2.15 -2.96
C PHE A 98 -12.81 2.02 -4.46
N THR A 99 -11.79 1.29 -4.90
CA THR A 99 -11.47 1.18 -6.31
C THR A 99 -11.94 -0.15 -6.88
N PRO A 100 -12.95 -0.12 -7.76
CA PRO A 100 -13.39 -1.32 -8.49
C PRO A 100 -12.28 -1.79 -9.41
N MSE A 101 -12.04 -3.09 -9.47
CA MSE A 101 -11.02 -3.64 -10.36
C MSE A 101 -11.26 -3.21 -11.80
O MSE A 101 -10.34 -2.84 -12.52
CB MSE A 101 -10.96 -5.16 -10.27
CG MSE A 101 -10.27 -5.64 -9.01
SE MSE A 101 -8.38 -5.29 -9.21
CE MSE A 101 -8.03 -6.70 -10.52
N GLY A 102 -12.54 -3.22 -12.20
CA GLY A 102 -12.95 -2.77 -13.52
C GLY A 102 -12.30 -1.48 -13.98
N LEU A 103 -12.25 -0.51 -13.08
CA LEU A 103 -11.62 0.78 -13.33
C LEU A 103 -10.14 0.65 -13.68
N LEU A 104 -9.48 -0.36 -13.12
CA LEU A 104 -8.03 -0.52 -13.28
C LEU A 104 -7.69 -1.44 -14.45
N GLU A 105 -8.55 -2.42 -14.69
CA GLU A 105 -8.40 -3.33 -15.82
C GLU A 105 -8.55 -2.61 -17.15
N ARG A 106 -9.31 -1.54 -17.19
CA ARG A 106 -9.53 -0.76 -18.40
C ARG A 106 -8.37 0.16 -18.70
N ALA A 107 -7.62 0.53 -17.69
CA ALA A 107 -6.59 1.56 -17.86
C ALA A 107 -5.62 1.23 -18.99
N HIS A 108 -5.42 2.17 -19.90
CA HIS A 108 -4.61 1.91 -21.09
C HIS A 108 -3.12 1.90 -20.75
N SER A 109 -2.74 2.67 -19.73
CA SER A 109 -1.33 2.82 -19.38
C SER A 109 -0.66 1.49 -18.95
N TYR A 110 -1.38 0.65 -18.23
CA TYR A 110 -0.85 -0.65 -17.84
C TYR A 110 -0.68 -1.54 -19.08
N LYS A 111 -1.70 -1.61 -19.92
CA LYS A 111 -1.61 -2.35 -21.17
C LYS A 111 -0.45 -1.88 -22.05
N ASP A 112 -0.30 -0.56 -22.20
CA ASP A 112 0.77 0.02 -23.01
C ASP A 112 2.17 -0.29 -22.48
N LYS A 113 2.32 -0.28 -21.16
CA LYS A 113 3.62 -0.51 -20.52
C LYS A 113 4.01 -1.97 -20.58
N VAL A 114 3.00 -2.84 -20.50
CA VAL A 114 3.19 -4.27 -20.63
C VAL A 114 3.58 -4.63 -22.06
N ALA A 115 2.88 -4.03 -23.02
CA ALA A 115 3.13 -4.30 -24.44
C ALA A 115 4.54 -3.93 -24.89
N LYS A 116 5.12 -2.90 -24.27
CA LYS A 116 6.48 -2.49 -24.60
C LYS A 116 7.54 -3.16 -23.71
N GLY A 117 7.15 -4.23 -23.03
CA GLY A 117 8.11 -5.10 -22.34
C GLY A 117 8.22 -5.06 -20.83
N LEU A 118 7.60 -4.07 -20.18
CA LEU A 118 7.65 -3.99 -18.72
C LEU A 118 6.97 -5.21 -18.05
N SER A 119 7.38 -5.53 -16.82
CA SER A 119 6.86 -6.71 -16.14
C SER A 119 5.38 -6.56 -15.73
N ALA A 120 4.57 -7.58 -16.05
CA ALA A 120 3.16 -7.60 -15.65
C ALA A 120 2.98 -7.83 -14.13
N SER A 121 3.36 -6.83 -13.33
CA SER A 121 3.40 -7.00 -11.88
C SER A 121 2.27 -6.25 -11.21
N HIS A 122 2.01 -6.57 -9.95
CA HIS A 122 0.94 -5.92 -9.21
C HIS A 122 1.21 -4.44 -9.07
N GLY A 123 2.49 -4.08 -8.93
CA GLY A 123 2.86 -2.69 -8.75
C GLY A 123 2.55 -1.84 -9.97
N LEU A 124 2.87 -2.38 -11.15
CA LEU A 124 2.58 -1.71 -12.41
C LEU A 124 1.07 -1.53 -12.57
N PHE A 125 0.31 -2.59 -12.31
CA PHE A 125 -1.15 -2.53 -12.34
C PHE A 125 -1.72 -1.53 -11.34
N SER A 126 -1.11 -1.47 -10.14
CA SER A 126 -1.66 -0.66 -9.05
C SER A 126 -1.22 0.79 -9.10
N TYR A 127 -0.26 1.08 -9.98
CA TYR A 127 0.23 2.45 -10.28
C TYR A 127 -0.82 3.59 -10.17
N PRO A 128 -1.98 3.44 -10.82
CA PRO A 128 -2.94 4.55 -10.75
C PRO A 128 -3.53 4.77 -9.35
N VAL A 129 -3.59 3.73 -8.52
CA VAL A 129 -4.17 3.91 -7.18
C VAL A 129 -3.24 4.69 -6.28
N LEU A 130 -1.95 4.38 -6.36
CA LEU A 130 -0.96 5.14 -5.61
C LEU A 130 -0.92 6.60 -6.04
N MSE A 131 -0.97 6.84 -7.35
CA MSE A 131 -1.05 8.20 -7.86
C MSE A 131 -2.32 8.92 -7.39
O MSE A 131 -2.29 10.12 -7.10
CB MSE A 131 -0.99 8.19 -9.38
CG MSE A 131 -1.07 9.58 -10.06
SE MSE A 131 -0.62 9.35 -11.98
CE MSE A 131 -1.04 7.47 -12.01
N ALA A 132 -3.44 8.20 -7.32
CA ALA A 132 -4.67 8.79 -6.75
C ALA A 132 -4.41 9.23 -5.31
N ALA A 133 -3.66 8.44 -4.55
CA ALA A 133 -3.33 8.83 -3.18
C ALA A 133 -2.50 10.13 -3.15
N ASP A 134 -1.51 10.22 -4.04
CA ASP A 134 -0.70 11.43 -4.19
C ASP A 134 -1.61 12.65 -4.38
N ILE A 135 -2.51 12.54 -5.35
CA ILE A 135 -3.36 13.66 -5.73
C ILE A 135 -4.34 14.04 -4.62
N LEU A 136 -5.02 13.04 -4.06
CA LEU A 136 -6.11 13.30 -3.12
C LEU A 136 -5.65 13.73 -1.72
N LEU A 137 -4.46 13.26 -1.32
CA LEU A 137 -3.91 13.56 -0.01
C LEU A 137 -3.72 15.06 0.18
N PHE A 138 -3.46 15.78 -0.91
CA PHE A 138 -3.14 17.19 -0.81
C PHE A 138 -4.27 18.10 -1.34
N ASP A 139 -5.49 17.55 -1.40
CA ASP A 139 -6.64 18.27 -1.91
C ASP A 139 -6.32 18.97 -3.23
N THR A 140 -5.76 18.20 -4.16
CA THR A 140 -5.33 18.79 -5.42
C THR A 140 -6.52 19.11 -6.31
N ARG A 141 -6.51 20.30 -6.90
CA ARG A 141 -7.55 20.71 -7.83
C ARG A 141 -7.11 20.48 -9.28
N ILE A 142 -5.85 20.79 -9.59
CA ILE A 142 -5.36 20.75 -10.95
C ILE A 142 -4.09 19.92 -11.03
N VAL A 143 -4.04 18.95 -11.96
CA VAL A 143 -2.87 18.10 -12.14
C VAL A 143 -2.23 18.29 -13.53
N PRO A 144 -1.16 19.10 -13.61
CA PRO A 144 -0.51 19.27 -14.92
C PRO A 144 0.10 17.96 -15.41
N VAL A 145 -0.35 17.46 -16.55
CA VAL A 145 0.15 16.19 -17.08
C VAL A 145 0.25 16.17 -18.60
N GLY A 146 1.01 15.20 -19.13
CA GLY A 146 0.97 14.89 -20.54
C GLY A 146 -0.33 14.19 -20.85
N LYS A 147 -0.66 14.06 -22.13
CA LYS A 147 -1.94 13.49 -22.54
C LYS A 147 -2.09 12.05 -22.08
N ASP A 148 -0.98 11.33 -21.96
CA ASP A 148 -1.07 9.91 -21.65
C ASP A 148 -1.33 9.63 -20.18
N GLN A 149 -1.32 10.69 -19.36
CA GLN A 149 -1.57 10.56 -17.93
C GLN A 149 -2.96 11.10 -17.56
N ILE A 150 -3.71 11.54 -18.57
CA ILE A 150 -5.05 12.08 -18.35
C ILE A 150 -5.99 11.07 -17.69
N GLN A 151 -5.99 9.83 -18.20
CA GLN A 151 -6.88 8.82 -17.67
C GLN A 151 -6.59 8.49 -16.20
N HIS A 152 -5.32 8.52 -15.83
CA HIS A 152 -4.93 8.35 -14.44
C HIS A 152 -5.56 9.41 -13.53
N VAL A 153 -5.58 10.64 -14.00
CA VAL A 153 -6.19 11.71 -13.22
C VAL A 153 -7.69 11.45 -13.13
N GLU A 154 -8.25 10.98 -14.23
CA GLU A 154 -9.67 10.65 -14.30
C GLU A 154 -10.00 9.54 -13.34
N ILE A 155 -9.10 8.57 -13.23
CA ILE A 155 -9.28 7.47 -12.31
C ILE A 155 -9.27 8.00 -10.89
N ALA A 156 -8.37 8.94 -10.60
CA ALA A 156 -8.28 9.52 -9.27
C ALA A 156 -9.61 10.16 -8.89
N ARG A 157 -10.20 10.88 -9.83
CA ARG A 157 -11.45 11.59 -9.60
C ARG A 157 -12.59 10.61 -9.34
N ASP A 158 -12.62 9.53 -10.12
CA ASP A 158 -13.64 8.51 -9.98
C ASP A 158 -13.55 7.90 -8.60
N ILE A 159 -12.33 7.74 -8.09
CA ILE A 159 -12.13 7.20 -6.75
C ILE A 159 -12.62 8.20 -5.70
N ALA A 160 -12.27 9.47 -5.87
CA ALA A 160 -12.69 10.55 -4.98
C ALA A 160 -14.20 10.60 -4.91
N LEU A 161 -14.85 10.44 -6.05
CA LEU A 161 -16.31 10.44 -6.09
C LEU A 161 -16.87 9.29 -5.27
N LYS A 162 -16.24 8.13 -5.36
CA LYS A 162 -16.73 6.99 -4.62
C LYS A 162 -16.56 7.17 -3.12
N VAL A 163 -15.40 7.68 -2.72
CA VAL A 163 -15.14 7.99 -1.32
C VAL A 163 -16.11 9.05 -0.79
N ASN A 164 -16.22 10.17 -1.51
CA ASN A 164 -17.10 11.27 -1.09
C ASN A 164 -18.55 10.83 -0.96
N ASN A 165 -18.96 9.86 -1.77
CA ASN A 165 -20.34 9.39 -1.77
C ASN A 165 -20.63 8.56 -0.54
N GLU A 166 -19.57 7.98 0.03
CA GLU A 166 -19.71 7.10 1.18
C GLU A 166 -19.46 7.83 2.51
N TRP A 167 -18.52 8.78 2.48
CA TRP A 167 -17.96 9.39 3.68
C TRP A 167 -18.28 10.88 3.82
N GLY A 168 -18.92 11.47 2.81
CA GLY A 168 -19.15 12.90 2.79
C GLY A 168 -18.01 13.56 2.03
N GLU A 169 -18.16 14.83 1.70
CA GLU A 169 -17.23 15.54 0.85
C GLU A 169 -15.89 15.73 1.55
N ILE A 170 -15.02 14.76 1.43
CA ILE A 170 -13.74 14.80 2.11
C ILE A 170 -12.57 15.02 1.13
N PHE A 171 -12.79 14.72 -0.15
CA PHE A 171 -11.75 14.92 -1.14
C PHE A 171 -12.14 15.97 -2.19
N THR A 172 -11.18 16.80 -2.55
CA THR A 172 -11.31 17.65 -3.72
C THR A 172 -11.32 16.78 -4.97
N LEU A 173 -12.15 17.14 -5.96
CA LEU A 173 -12.18 16.46 -7.25
C LEU A 173 -11.12 17.02 -8.21
N PRO A 174 -10.08 16.23 -8.51
CA PRO A 174 -9.02 16.78 -9.37
C PRO A 174 -9.37 16.71 -10.84
N GLU A 175 -8.78 17.62 -11.62
CA GLU A 175 -8.86 17.55 -13.07
C GLU A 175 -7.49 17.71 -13.70
N ALA A 176 -7.28 17.04 -14.82
CA ALA A 176 -6.03 17.16 -15.54
C ALA A 176 -5.94 18.53 -16.20
N ARG A 177 -4.72 19.04 -16.27
CA ARG A 177 -4.46 20.22 -17.09
C ARG A 177 -3.39 19.83 -18.09
N VAL A 178 -3.76 19.85 -19.37
CA VAL A 178 -2.79 19.69 -20.44
C VAL A 178 -2.74 21.01 -21.18
N ASN A 179 -1.54 21.48 -21.48
CA ASN A 179 -1.44 22.69 -22.28
C ASN A 179 -1.12 22.35 -23.75
N GLU A 180 -2.07 22.68 -24.63
CA GLU A 180 -1.93 22.35 -26.04
C GLU A 180 -1.26 23.50 -26.77
N GLU A 181 -1.13 24.63 -26.07
CA GLU A 181 -0.54 25.84 -26.61
C GLU A 181 0.95 25.64 -26.96
N VAL A 182 1.60 24.70 -26.27
CA VAL A 182 3.06 24.56 -26.37
C VAL A 182 3.54 23.89 -27.66
N ALA A 183 4.65 24.42 -28.18
CA ALA A 183 5.30 23.89 -29.37
C ALA A 183 5.86 22.51 -29.04
N VAL A 184 5.75 21.58 -29.98
CA VAL A 184 6.33 20.27 -29.81
C VAL A 184 7.80 20.33 -30.23
N VAL A 185 8.70 19.98 -29.31
CA VAL A 185 10.13 20.05 -29.59
C VAL A 185 10.60 18.81 -30.38
N VAL A 186 11.04 19.02 -31.61
CA VAL A 186 11.54 17.91 -32.42
C VAL A 186 12.87 17.44 -31.87
N GLY A 187 13.11 16.14 -32.01
CA GLY A 187 14.39 15.54 -31.65
C GLY A 187 15.39 15.52 -32.79
N THR A 188 16.51 14.87 -32.56
CA THR A 188 17.62 14.87 -33.51
C THR A 188 17.28 14.21 -34.83
N ASP A 189 16.24 13.37 -34.83
CA ASP A 189 15.82 12.67 -36.05
C ASP A 189 14.62 13.31 -36.73
N GLY A 190 14.13 14.41 -36.17
CA GLY A 190 12.97 15.06 -36.75
C GLY A 190 11.67 14.65 -36.08
N ALA A 191 11.67 13.51 -35.40
CA ALA A 191 10.47 13.08 -34.68
C ALA A 191 10.38 13.78 -33.34
N LYS A 192 9.23 13.65 -32.68
CA LYS A 192 9.04 14.24 -31.36
C LYS A 192 10.20 13.83 -30.46
N MSE A 193 10.84 14.81 -29.81
CA MSE A 193 11.96 14.48 -28.94
C MSE A 193 11.51 13.66 -27.75
O MSE A 193 10.68 14.11 -26.96
CB MSE A 193 12.68 15.73 -28.43
CG MSE A 193 13.86 15.42 -27.47
SE MSE A 193 15.02 16.93 -26.97
CE MSE A 193 15.72 17.44 -28.73
N SER A 194 12.07 12.46 -27.59
CA SER A 194 11.78 11.69 -26.39
C SER A 194 12.86 10.68 -26.06
N LYS A 195 12.97 10.35 -24.79
CA LYS A 195 13.94 9.36 -24.32
C LYS A 195 13.75 8.01 -25.01
N SER A 196 12.51 7.60 -25.22
CA SER A 196 12.26 6.29 -25.80
C SER A 196 12.64 6.24 -27.29
N TYR A 197 12.82 7.41 -27.91
CA TYR A 197 13.29 7.45 -29.30
C TYR A 197 14.79 7.67 -29.40
N GLN A 198 15.46 7.88 -28.26
CA GLN A 198 16.90 8.18 -28.25
C GLN A 198 17.29 9.31 -29.22
N ASN A 199 16.47 10.35 -29.26
CA ASN A 199 16.72 11.49 -30.16
C ASN A 199 16.86 12.79 -29.39
N THR A 200 17.35 12.70 -28.16
CA THR A 200 17.33 13.83 -27.25
C THR A 200 18.59 14.67 -27.30
N ILE A 201 18.42 15.94 -26.90
CA ILE A 201 19.50 16.83 -26.53
C ILE A 201 19.32 17.09 -25.05
N ASP A 202 20.24 16.58 -24.25
CA ASP A 202 20.12 16.61 -22.80
C ASP A 202 20.64 17.91 -22.23
N ILE A 203 20.02 18.33 -21.13
CA ILE A 203 20.35 19.58 -20.46
C ILE A 203 21.66 19.53 -19.67
N PHE A 204 21.84 18.48 -18.87
CA PHE A 204 22.96 18.41 -17.92
C PHE A 204 24.15 17.55 -18.34
N SER A 205 24.48 17.61 -19.62
CA SER A 205 25.55 16.81 -20.17
C SER A 205 26.81 17.66 -20.29
N SER A 206 27.97 17.01 -20.38
CA SER A 206 29.21 17.72 -20.68
C SER A 206 29.12 18.31 -22.09
N GLU A 207 29.97 19.29 -22.37
CA GLU A 207 30.03 19.88 -23.72
C GLU A 207 30.35 18.81 -24.76
N LYS A 208 31.24 17.90 -24.40
CA LYS A 208 31.62 16.81 -25.29
C LYS A 208 30.40 15.96 -25.63
N THR A 209 29.60 15.66 -24.61
CA THR A 209 28.40 14.86 -24.81
C THR A 209 27.36 15.60 -25.65
N LEU A 210 27.16 16.87 -25.33
CA LEU A 210 26.22 17.70 -26.08
C LEU A 210 26.62 17.80 -27.55
N LYS A 211 27.92 17.95 -27.80
CA LYS A 211 28.43 17.97 -29.18
C LYS A 211 28.02 16.72 -29.95
N LYS A 212 28.15 15.55 -29.33
CA LYS A 212 27.74 14.30 -29.96
C LYS A 212 26.24 14.33 -30.32
N GLN A 213 25.42 14.79 -29.37
CA GLN A 213 23.99 14.84 -29.59
C GLN A 213 23.60 15.79 -30.73
N ILE A 214 24.13 17.00 -30.71
CA ILE A 214 23.80 17.97 -31.74
C ILE A 214 24.30 17.54 -33.12
N SER A 215 25.47 16.91 -33.13
CA SER A 215 26.03 16.37 -34.37
C SER A 215 25.11 15.30 -35.00
N SER A 216 24.35 14.59 -34.16
CA SER A 216 23.46 13.55 -34.66
C SER A 216 22.24 14.08 -35.40
N ILE A 217 22.00 15.39 -35.35
CA ILE A 217 20.78 15.95 -35.93
C ILE A 217 20.74 15.72 -37.44
N VAL A 218 19.68 15.06 -37.90
CA VAL A 218 19.46 14.77 -39.32
C VAL A 218 19.10 16.03 -40.10
N THR A 219 19.70 16.21 -41.27
CA THR A 219 19.43 17.39 -42.08
C THR A 219 19.14 17.04 -43.53
N ASP A 220 18.97 18.07 -44.35
CA ASP A 220 18.85 17.92 -45.81
C ASP A 220 20.08 17.37 -46.47
N SER A 221 19.99 17.20 -47.77
CA SER A 221 21.13 16.85 -48.59
C SER A 221 21.62 18.07 -49.38
N THR A 222 21.01 19.23 -49.12
CA THR A 222 21.32 20.46 -49.84
C THR A 222 22.81 20.82 -49.77
N ALA A 223 23.37 21.21 -50.92
CA ALA A 223 24.78 21.57 -51.02
C ALA A 223 25.13 22.78 -50.16
N LEU A 224 26.39 22.85 -49.73
CA LEU A 224 26.86 23.94 -48.89
C LEU A 224 26.66 25.29 -49.60
N GLU A 225 26.77 25.27 -50.92
N GLU A 225 26.82 25.28 -50.91
CA GLU A 225 26.72 26.47 -51.73
CA GLU A 225 26.72 26.51 -51.72
C GLU A 225 25.31 27.04 -51.91
C GLU A 225 25.30 27.07 -51.81
N ASP A 226 24.30 26.19 -51.75
CA ASP A 226 22.92 26.58 -52.06
C ASP A 226 22.06 27.02 -50.87
N PRO A 227 21.09 27.90 -51.14
CA PRO A 227 20.13 28.32 -50.10
C PRO A 227 19.43 27.12 -49.45
N LYS A 228 19.22 27.21 -48.14
CA LYS A 228 18.71 26.09 -47.40
C LYS A 228 17.35 26.42 -46.79
N ASP A 229 16.51 25.40 -46.63
CA ASP A 229 15.16 25.62 -46.14
C ASP A 229 15.13 25.55 -44.63
N HIS A 230 14.99 26.71 -44.01
CA HIS A 230 14.94 26.82 -42.57
C HIS A 230 13.66 26.21 -41.99
N GLU A 231 12.55 26.34 -42.73
CA GLU A 231 11.23 25.93 -42.26
C GLU A 231 11.15 24.45 -41.87
N ASN A 232 11.97 23.62 -42.51
CA ASN A 232 11.91 22.19 -42.30
C ASN A 232 13.17 21.63 -41.65
N CYS A 233 14.13 22.50 -41.41
CA CYS A 233 15.38 22.10 -40.81
C CYS A 233 15.23 21.90 -39.32
N ASN A 234 15.57 20.69 -38.87
CA ASN A 234 15.55 20.37 -37.45
C ASN A 234 16.45 21.30 -36.61
N ILE A 235 17.61 21.67 -37.18
CA ILE A 235 18.55 22.52 -36.46
C ILE A 235 17.93 23.89 -36.21
N PHE A 236 17.41 24.50 -37.27
CA PHE A 236 16.69 25.76 -37.13
C PHE A 236 15.57 25.62 -36.11
N LYS A 237 14.76 24.55 -36.26
CA LYS A 237 13.63 24.31 -35.37
C LYS A 237 14.02 24.22 -33.89
N ILE A 238 15.19 23.68 -33.62
CA ILE A 238 15.69 23.60 -32.25
C ILE A 238 16.33 24.94 -31.83
N ALA A 239 17.09 25.54 -32.73
CA ALA A 239 17.72 26.84 -32.46
C ALA A 239 16.68 27.90 -32.09
N LYS A 240 15.50 27.81 -32.71
CA LYS A 240 14.41 28.76 -32.46
C LYS A 240 14.12 28.90 -30.98
N LEU A 241 14.21 27.79 -30.25
CA LEU A 241 14.02 27.78 -28.79
C LEU A 241 14.96 28.71 -28.05
N PHE A 242 16.08 29.07 -28.68
CA PHE A 242 17.12 29.85 -27.99
C PHE A 242 17.31 31.26 -28.54
N LEU A 243 16.46 31.65 -29.48
CA LEU A 243 16.68 32.88 -30.24
C LEU A 243 15.45 33.78 -30.21
N ASP A 244 15.66 35.08 -30.00
CA ASP A 244 14.58 36.04 -30.16
C ASP A 244 14.34 36.33 -31.65
N GLU A 245 13.44 37.27 -31.94
CA GLU A 245 13.05 37.59 -33.32
C GLU A 245 14.19 37.93 -34.26
N SER A 246 15.13 38.76 -33.80
CA SER A 246 16.22 39.18 -34.66
C SER A 246 17.18 38.01 -34.91
N GLY A 247 17.52 37.29 -33.83
CA GLY A 247 18.44 36.17 -33.92
C GLY A 247 17.94 35.08 -34.86
N GLN A 248 16.62 34.90 -34.89
CA GLN A 248 15.99 33.93 -35.75
C GLN A 248 16.14 34.36 -37.20
N LYS A 249 15.90 35.64 -37.44
CA LYS A 249 16.04 36.18 -38.78
C LYS A 249 17.50 36.15 -39.22
N GLU A 250 18.42 36.49 -38.33
CA GLU A 250 19.85 36.46 -38.67
C GLU A 250 20.27 35.06 -39.10
N LEU A 251 19.80 34.05 -38.36
CA LEU A 251 20.12 32.68 -38.71
C LEU A 251 19.47 32.31 -40.04
N GLN A 252 18.20 32.68 -40.17
CA GLN A 252 17.45 32.43 -41.39
C GLN A 252 18.15 32.97 -42.61
N ILE A 253 18.71 34.17 -42.48
CA ILE A 253 19.44 34.82 -43.54
C ILE A 253 20.70 34.03 -43.90
N ARG A 254 21.35 33.45 -42.90
CA ARG A 254 22.52 32.60 -43.18
C ARG A 254 22.12 31.34 -43.96
N TYR A 255 20.92 30.83 -43.66
CA TYR A 255 20.36 29.69 -44.36
C TYR A 255 20.13 29.99 -45.84
N GLU A 256 19.45 31.11 -46.11
CA GLU A 256 19.08 31.49 -47.48
C GLU A 256 20.24 31.99 -48.36
N LYS A 257 21.38 32.27 -47.76
CA LYS A 257 22.48 32.83 -48.54
C LYS A 257 23.31 31.76 -49.23
N GLY A 258 23.52 30.65 -48.56
CA GLY A 258 24.40 29.61 -49.07
C GLY A 258 25.83 29.93 -48.71
N GLY A 259 26.74 28.99 -48.95
CA GLY A 259 28.14 29.15 -48.58
C GLY A 259 28.39 28.83 -47.12
N GLU A 260 27.34 28.40 -46.44
CA GLU A 260 27.48 27.97 -45.06
C GLU A 260 26.65 26.71 -44.93
N GLY A 261 27.20 25.72 -44.23
CA GLY A 261 26.62 24.40 -44.21
C GLY A 261 25.95 24.08 -42.90
N TYR A 262 25.30 22.94 -42.85
CA TYR A 262 24.61 22.54 -41.64
C TYR A 262 25.63 22.28 -40.52
N GLY A 263 26.83 21.84 -40.89
CA GLY A 263 27.89 21.64 -39.92
C GLY A 263 28.23 22.92 -39.15
N HIS A 264 28.13 24.07 -39.82
CA HIS A 264 28.32 25.33 -39.13
C HIS A 264 27.13 25.63 -38.23
N PHE A 265 25.94 25.35 -38.73
CA PHE A 265 24.73 25.59 -37.96
C PHE A 265 24.73 24.78 -36.67
N LYS A 266 25.25 23.55 -36.74
CA LYS A 266 25.40 22.71 -35.56
C LYS A 266 26.39 23.31 -34.57
N ILE A 267 27.48 23.86 -35.09
CA ILE A 267 28.47 24.53 -34.25
C ILE A 267 27.80 25.68 -33.49
N TYR A 268 26.99 26.45 -34.21
CA TYR A 268 26.25 27.56 -33.64
C TYR A 268 25.25 27.08 -32.58
N LEU A 269 24.51 26.02 -32.87
CA LEU A 269 23.54 25.50 -31.91
C LEU A 269 24.21 25.06 -30.61
N ASN A 270 25.37 24.43 -30.72
CA ASN A 270 26.16 24.09 -29.53
C ASN A 270 26.39 25.30 -28.65
N GLU A 271 26.71 26.44 -29.28
CA GLU A 271 27.00 27.66 -28.54
C GLU A 271 25.76 28.15 -27.82
N LEU A 272 24.63 28.18 -28.52
CA LEU A 272 23.38 28.66 -27.94
C LEU A 272 22.94 27.77 -26.78
N VAL A 273 23.08 26.46 -26.96
CA VAL A 273 22.65 25.55 -25.89
C VAL A 273 23.57 25.64 -24.66
N ASN A 274 24.89 25.54 -24.86
CA ASN A 274 25.85 25.61 -23.76
C ASN A 274 25.65 26.88 -22.96
N ALA A 275 25.47 28.00 -23.65
CA ALA A 275 25.27 29.28 -22.98
C ALA A 275 23.95 29.34 -22.21
N TYR A 276 22.87 28.84 -22.82
CA TYR A 276 21.55 28.94 -22.21
C TYR A 276 21.47 28.17 -20.87
N PHE A 277 22.02 26.97 -20.83
CA PHE A 277 21.91 26.18 -19.61
C PHE A 277 23.17 26.23 -18.75
N LYS A 278 24.07 27.17 -19.06
CA LYS A 278 25.36 27.27 -18.39
C LYS A 278 25.21 27.38 -16.88
N GLU A 279 24.32 28.29 -16.46
CA GLU A 279 24.12 28.59 -15.05
C GLU A 279 23.47 27.43 -14.28
N ALA A 280 22.49 26.79 -14.93
CA ALA A 280 21.76 25.67 -14.35
C ALA A 280 22.69 24.48 -14.16
N ARG A 281 23.51 24.19 -15.18
CA ARG A 281 24.49 23.11 -15.09
C ARG A 281 25.46 23.26 -13.94
N GLU A 282 25.91 24.47 -13.68
CA GLU A 282 26.88 24.67 -12.62
C GLU A 282 26.22 24.48 -11.27
N LYS A 283 24.99 25.00 -11.16
CA LYS A 283 24.18 24.80 -9.96
C LYS A 283 23.91 23.32 -9.72
N TYR A 284 23.67 22.58 -10.82
CA TYR A 284 23.32 21.16 -10.75
C TYR A 284 24.50 20.34 -10.25
N ASN A 285 25.67 20.58 -10.85
CA ASN A 285 26.88 19.90 -10.41
C ASN A 285 27.26 20.30 -8.99
N GLU A 286 27.02 21.57 -8.65
CA GLU A 286 27.28 22.06 -7.30
C GLU A 286 26.46 21.32 -6.24
N LEU A 287 25.20 21.03 -6.56
CA LEU A 287 24.30 20.33 -5.65
C LEU A 287 24.68 18.85 -5.48
N LEU A 288 25.13 18.24 -6.56
CA LEU A 288 25.48 16.82 -6.52
C LEU A 288 26.80 16.59 -5.81
N GLU A 289 27.65 17.61 -5.83
CA GLU A 289 28.95 17.58 -5.17
C GLU A 289 28.84 17.56 -3.66
N LYS A 290 27.87 18.29 -3.12
CA LYS A 290 27.64 18.25 -1.67
C LYS A 290 26.22 17.85 -1.35
N PRO A 291 25.98 16.53 -1.30
CA PRO A 291 24.63 15.96 -1.18
C PRO A 291 23.94 16.29 0.13
N SER A 292 24.69 16.69 1.15
CA SER A 292 24.09 17.04 2.43
C SER A 292 23.18 18.27 2.30
N HIS A 293 23.57 19.23 1.47
CA HIS A 293 22.76 20.41 1.21
C HIS A 293 21.48 20.06 0.44
N LEU A 294 21.57 19.06 -0.42
CA LEU A 294 20.42 18.63 -1.21
C LEU A 294 19.40 17.95 -0.30
N LYS A 295 19.88 17.04 0.53
CA LYS A 295 19.07 16.40 1.56
C LYS A 295 18.33 17.43 2.42
N GLU A 296 19.04 18.48 2.83
CA GLU A 296 18.42 19.54 3.63
C GLU A 296 17.28 20.25 2.91
N ILE A 297 17.44 20.48 1.60
CA ILE A 297 16.42 21.18 0.85
C ILE A 297 15.20 20.27 0.75
N LEU A 298 15.44 19.01 0.47
CA LEU A 298 14.37 18.03 0.37
C LEU A 298 13.65 17.83 1.71
N ASP A 299 14.40 17.85 2.81
CA ASP A 299 13.81 17.71 4.14
C ASP A 299 12.94 18.92 4.50
N PHE A 300 13.40 20.10 4.12
CA PHE A 300 12.63 21.32 4.31
C PHE A 300 11.28 21.18 3.63
N GLY A 301 11.27 20.69 2.38
CA GLY A 301 10.06 20.53 1.60
C GLY A 301 9.12 19.47 2.18
N ALA A 302 9.70 18.34 2.57
CA ALA A 302 8.96 17.27 3.21
C ALA A 302 8.23 17.76 4.46
N THR A 303 8.90 18.55 5.29
CA THR A 303 8.28 19.07 6.52
C THR A 303 6.99 19.82 6.20
N LYS A 304 6.99 20.63 5.14
CA LYS A 304 5.79 21.38 4.76
C LYS A 304 4.69 20.48 4.18
N ALA A 305 5.08 19.49 3.38
CA ALA A 305 4.11 18.60 2.77
C ALA A 305 3.54 17.65 3.82
N ARG A 306 4.40 17.20 4.73
CA ARG A 306 4.01 16.26 5.79
C ARG A 306 2.93 16.89 6.70
N LYS A 307 3.08 18.17 7.00
CA LYS A 307 2.09 18.86 7.82
C LYS A 307 0.70 18.78 7.19
N ILE A 308 0.63 19.07 5.89
CA ILE A 308 -0.62 19.01 5.16
C ILE A 308 -1.15 17.58 5.08
N ALA A 309 -0.29 16.64 4.75
CA ALA A 309 -0.65 15.23 4.73
C ALA A 309 -1.17 14.72 6.10
N GLN A 310 -0.44 15.05 7.17
CA GLN A 310 -0.85 14.64 8.51
C GLN A 310 -2.22 15.21 8.92
N GLU A 311 -2.53 16.44 8.50
CA GLU A 311 -3.85 17.04 8.72
C GLU A 311 -4.94 16.27 7.98
N LYS A 312 -4.65 15.89 6.74
CA LYS A 312 -5.62 15.14 5.97
C LYS A 312 -5.80 13.75 6.58
N MSE A 313 -4.70 13.10 6.95
CA MSE A 313 -4.80 11.73 7.47
C MSE A 313 -5.65 11.69 8.76
O MSE A 313 -6.39 10.74 8.99
CB MSE A 313 -3.42 11.09 7.69
CG MSE A 313 -2.71 10.63 6.39
SE MSE A 313 -3.86 9.73 5.06
CE MSE A 313 -4.10 8.02 5.97
N GLN A 314 -5.55 12.73 9.57
CA GLN A 314 -6.36 12.80 10.77
C GLN A 314 -7.86 12.77 10.45
N LYS A 315 -8.26 13.49 9.43
CA LYS A 315 -9.65 13.41 8.94
C LYS A 315 -9.98 12.01 8.40
N ILE A 316 -9.04 11.43 7.64
CA ILE A 316 -9.22 10.09 7.11
C ILE A 316 -9.29 9.05 8.24
N TYR A 317 -8.43 9.18 9.24
CA TYR A 317 -8.46 8.32 10.43
C TYR A 317 -9.84 8.27 11.08
N GLU A 318 -10.55 9.40 11.12
CA GLU A 318 -11.89 9.44 11.70
C GLU A 318 -12.87 8.56 10.91
N LYS A 319 -12.76 8.62 9.59
CA LYS A 319 -13.67 7.88 8.71
C LYS A 319 -13.41 6.39 8.69
N ILE A 320 -12.15 5.99 8.87
CA ILE A 320 -11.76 4.59 8.70
C ILE A 320 -11.46 3.90 10.04
N GLY A 321 -11.46 4.68 11.13
CA GLY A 321 -11.34 4.12 12.47
C GLY A 321 -9.92 3.94 12.99
N LEU A 322 -8.97 4.70 12.46
CA LEU A 322 -7.60 4.65 12.97
C LEU A 322 -7.31 5.69 14.08
N ALA B 3 13.96 -22.53 17.75
CA ALA B 3 12.77 -21.90 18.32
C ALA B 3 12.06 -21.03 17.29
N MSE B 4 11.51 -21.68 16.25
CA MSE B 4 11.02 -21.01 15.04
C MSE B 4 9.86 -20.07 15.27
O MSE B 4 8.91 -20.39 15.99
CB MSE B 4 10.56 -22.05 14.02
CG MSE B 4 11.59 -23.09 13.65
SE MSE B 4 10.66 -24.36 12.51
CE MSE B 4 8.99 -24.33 13.49
N ARG B 5 9.90 -18.93 14.59
CA ARG B 5 8.91 -17.88 14.76
C ARG B 5 7.56 -18.19 14.11
N VAL B 6 6.51 -18.07 14.91
CA VAL B 6 5.15 -18.39 14.49
C VAL B 6 4.34 -17.11 14.49
N LEU B 7 3.72 -16.82 13.38
CA LEU B 7 3.02 -15.56 13.25
C LEU B 7 1.60 -15.81 12.79
N THR B 8 0.65 -15.17 13.47
CA THR B 8 -0.77 -15.34 13.19
C THR B 8 -1.40 -13.96 13.18
N GLY B 9 -2.14 -13.65 12.12
CA GLY B 9 -2.90 -12.43 12.09
C GLY B 9 -4.30 -12.76 12.57
N LEU B 10 -4.90 -11.88 13.36
CA LEU B 10 -6.21 -12.18 13.94
C LEU B 10 -7.29 -11.24 13.40
N GLN B 11 -8.34 -11.81 12.83
CA GLN B 11 -9.39 -11.01 12.22
C GLN B 11 -10.75 -11.52 12.62
N PRO B 12 -11.12 -11.31 13.89
CA PRO B 12 -12.39 -11.86 14.39
C PRO B 12 -13.58 -11.15 13.74
N SER B 13 -14.72 -11.81 13.69
CA SER B 13 -15.97 -11.17 13.27
C SER B 13 -17.10 -11.57 14.20
N GLY B 14 -18.04 -10.65 14.42
CA GLY B 14 -19.14 -10.88 15.33
C GLY B 14 -18.68 -11.15 16.75
N ASP B 15 -19.48 -11.92 17.49
CA ASP B 15 -19.14 -12.24 18.87
C ASP B 15 -18.35 -13.54 18.94
N LEU B 16 -17.32 -13.55 19.78
CA LEU B 16 -16.56 -14.77 20.04
C LEU B 16 -17.37 -15.80 20.85
N HIS B 17 -17.39 -17.05 20.39
CA HIS B 17 -18.12 -18.10 21.09
C HIS B 17 -17.21 -19.21 21.59
N ILE B 18 -17.74 -20.12 22.41
CA ILE B 18 -16.88 -21.15 23.01
C ILE B 18 -16.26 -22.09 21.98
N GLY B 19 -16.78 -22.05 20.75
CA GLY B 19 -16.20 -22.81 19.67
C GLY B 19 -14.88 -22.21 19.19
N ASN B 20 -14.84 -20.88 19.07
CA ASN B 20 -13.59 -20.19 18.79
C ASN B 20 -12.58 -20.46 19.89
N TYR B 21 -13.06 -20.49 21.12
CA TYR B 21 -12.17 -20.68 22.26
C TYR B 21 -11.56 -22.06 22.30
N PHE B 22 -12.40 -23.08 22.39
CA PHE B 22 -11.90 -24.44 22.56
C PHE B 22 -11.38 -25.00 21.25
N GLY B 23 -11.77 -24.38 20.15
CA GLY B 23 -11.34 -24.82 18.83
C GLY B 23 -10.04 -24.21 18.33
N ALA B 24 -9.70 -23.00 18.77
CA ALA B 24 -8.49 -22.36 18.27
C ALA B 24 -7.73 -21.55 19.32
N ILE B 25 -8.46 -20.73 20.07
CA ILE B 25 -7.82 -19.75 20.94
C ILE B 25 -7.05 -20.37 22.11
N LYS B 26 -7.62 -21.36 22.76
CA LYS B 26 -6.96 -22.01 23.87
C LYS B 26 -5.66 -22.63 23.44
N GLN B 27 -5.67 -23.24 22.28
CA GLN B 27 -4.49 -23.88 21.71
C GLN B 27 -3.40 -22.85 21.49
N MSE B 28 -3.84 -21.69 21.01
CA MSE B 28 -2.92 -20.61 20.70
C MSE B 28 -2.33 -20.05 21.99
O MSE B 28 -1.13 -19.82 22.08
CB MSE B 28 -3.66 -19.52 19.92
CG MSE B 28 -2.81 -18.34 19.57
SE MSE B 28 -3.83 -17.05 18.59
CE MSE B 28 -5.11 -18.28 17.76
N VAL B 29 -3.18 -19.84 22.98
CA VAL B 29 -2.75 -19.37 24.29
C VAL B 29 -1.75 -20.36 24.92
N ASP B 30 -2.06 -21.65 24.83
CA ASP B 30 -1.20 -22.65 25.43
C ASP B 30 0.12 -22.84 24.68
N ALA B 31 0.19 -22.39 23.43
CA ALA B 31 1.43 -22.54 22.66
C ALA B 31 2.50 -21.53 23.07
N GLN B 32 2.11 -20.51 23.82
CA GLN B 32 3.00 -19.39 24.15
C GLN B 32 4.25 -19.75 24.93
N GLU B 33 4.13 -20.66 25.89
CA GLU B 33 5.27 -20.98 26.74
C GLU B 33 6.42 -21.60 25.95
N LYS B 34 6.10 -22.41 24.94
CA LYS B 34 7.13 -23.18 24.24
C LYS B 34 7.34 -22.78 22.78
N SER B 35 6.51 -21.86 22.28
CA SER B 35 6.69 -21.32 20.94
C SER B 35 7.01 -19.83 21.02
N GLN B 36 7.64 -19.33 19.96
CA GLN B 36 7.87 -17.89 19.83
C GLN B 36 6.72 -17.30 19.04
N MSE B 37 5.67 -16.87 19.74
CA MSE B 37 4.41 -16.46 19.11
C MSE B 37 4.33 -14.95 18.80
O MSE B 37 4.52 -14.13 19.69
CB MSE B 37 3.22 -16.83 20.00
CG MSE B 37 3.10 -18.32 20.36
SE MSE B 37 2.34 -19.32 18.89
CE MSE B 37 0.52 -18.65 18.93
N PHE B 38 3.99 -14.60 17.55
CA PHE B 38 3.70 -13.22 17.16
C PHE B 38 2.24 -13.18 16.75
N MSE B 39 1.45 -12.28 17.32
CA MSE B 39 0.03 -12.23 16.99
C MSE B 39 -0.36 -10.79 16.84
O MSE B 39 0.00 -9.96 17.67
CB MSE B 39 -0.82 -12.86 18.09
CG MSE B 39 -0.84 -14.40 18.11
SE MSE B 39 -0.85 -15.04 19.96
CE MSE B 39 0.81 -14.11 20.37
N PHE B 40 -1.10 -10.46 15.77
CA PHE B 40 -1.53 -9.10 15.59
C PHE B 40 -2.99 -9.04 15.21
N ILE B 41 -3.66 -7.96 15.62
CA ILE B 41 -5.02 -7.68 15.21
C ILE B 41 -4.92 -7.09 13.80
N ALA B 42 -5.44 -7.80 12.82
CA ALA B 42 -5.20 -7.43 11.42
C ALA B 42 -6.19 -6.39 11.00
N ASN B 43 -6.04 -5.18 11.51
CA ASN B 43 -7.03 -4.15 11.22
C ASN B 43 -6.97 -3.56 9.80
N TYR B 44 -5.81 -3.57 9.14
CA TYR B 44 -5.79 -3.09 7.73
C TYR B 44 -6.66 -4.01 6.91
N HIS B 45 -6.51 -5.31 7.11
CA HIS B 45 -7.28 -6.31 6.37
C HIS B 45 -8.77 -6.20 6.60
N ALA B 46 -9.19 -5.75 7.77
CA ALA B 46 -10.63 -5.65 8.04
C ALA B 46 -11.24 -4.55 7.20
N MSE B 47 -10.40 -3.67 6.66
CA MSE B 47 -10.92 -2.58 5.85
C MSE B 47 -11.44 -3.03 4.49
O MSE B 47 -12.10 -2.24 3.81
CB MSE B 47 -9.87 -1.50 5.66
CG MSE B 47 -9.27 -1.04 6.95
SE MSE B 47 -7.88 0.30 6.71
CE MSE B 47 -7.50 0.59 8.63
N THR B 48 -11.14 -4.27 4.07
CA THR B 48 -11.63 -4.76 2.79
C THR B 48 -13.14 -5.05 2.79
N SER B 49 -13.69 -5.44 3.93
CA SER B 49 -15.12 -5.72 3.98
C SER B 49 -15.97 -4.67 4.69
N SER B 50 -15.34 -3.60 5.17
CA SER B 50 -16.10 -2.49 5.80
C SER B 50 -15.32 -1.19 5.73
N GLN B 51 -16.03 -0.10 5.49
CA GLN B 51 -15.43 1.21 5.59
C GLN B 51 -16.18 2.08 6.63
N ASP B 52 -16.82 1.40 7.58
CA ASP B 52 -17.53 2.05 8.69
C ASP B 52 -16.53 2.22 9.83
N GLY B 53 -15.90 3.39 9.88
CA GLY B 53 -14.74 3.58 10.75
C GLY B 53 -15.08 3.47 12.22
N GLU B 54 -16.26 3.97 12.58
CA GLU B 54 -16.75 3.88 13.95
C GLU B 54 -16.79 2.42 14.41
N LYS B 55 -17.32 1.55 13.58
CA LYS B 55 -17.41 0.13 13.93
C LYS B 55 -16.03 -0.54 13.93
N LEU B 56 -15.22 -0.20 12.94
CA LEU B 56 -13.90 -0.80 12.76
C LEU B 56 -13.02 -0.54 13.97
N LYS B 57 -13.07 0.69 14.47
CA LYS B 57 -12.26 1.08 15.62
C LYS B 57 -12.66 0.26 16.84
N GLN B 58 -13.95 0.06 17.04
CA GLN B 58 -14.45 -0.70 18.18
C GLN B 58 -14.12 -2.18 18.07
N ASN B 59 -14.29 -2.74 16.88
CA ASN B 59 -13.93 -4.14 16.68
C ASN B 59 -12.48 -4.40 17.04
N SER B 60 -11.60 -3.45 16.74
CA SER B 60 -10.18 -3.64 17.04
C SER B 60 -9.94 -3.65 18.54
N LEU B 61 -10.54 -2.68 19.24
CA LEU B 61 -10.40 -2.61 20.70
C LEU B 61 -10.97 -3.91 21.31
N LYS B 62 -12.18 -4.31 20.89
CA LYS B 62 -12.78 -5.54 21.42
C LYS B 62 -11.96 -6.78 21.14
N ALA B 63 -11.38 -6.85 19.94
CA ALA B 63 -10.58 -8.01 19.61
C ALA B 63 -9.33 -8.09 20.50
N ALA B 64 -8.67 -6.95 20.67
CA ALA B 64 -7.46 -6.93 21.48
C ALA B 64 -7.82 -7.29 22.92
N ALA B 65 -8.86 -6.66 23.46
CA ALA B 65 -9.33 -6.94 24.82
C ALA B 65 -9.69 -8.41 24.99
N ALA B 66 -10.37 -8.97 24.00
CA ALA B 66 -10.76 -10.38 24.07
C ALA B 66 -9.56 -11.32 24.12
N PHE B 67 -8.56 -11.09 23.26
CA PHE B 67 -7.47 -12.05 23.23
C PHE B 67 -6.58 -11.95 24.46
N LEU B 68 -6.36 -10.72 24.92
CA LEU B 68 -5.66 -10.53 26.17
C LEU B 68 -6.41 -11.20 27.31
N SER B 69 -7.72 -10.98 27.36
CA SER B 69 -8.55 -11.56 28.44
C SER B 69 -8.51 -13.08 28.49
N LEU B 70 -8.40 -13.72 27.33
CA LEU B 70 -8.46 -15.17 27.23
C LEU B 70 -7.07 -15.82 27.35
N GLY B 71 -6.01 -15.02 27.41
CA GLY B 71 -4.71 -15.57 27.77
C GLY B 71 -3.47 -15.12 27.02
N ILE B 72 -3.63 -14.28 26.01
CA ILE B 72 -2.45 -13.82 25.32
C ILE B 72 -1.57 -13.05 26.28
N ASP B 73 -0.32 -13.47 26.37
CA ASP B 73 0.59 -12.93 27.36
C ASP B 73 1.59 -12.00 26.69
N PRO B 74 1.40 -10.68 26.86
CA PRO B 74 2.19 -9.62 26.23
C PRO B 74 3.68 -9.71 26.56
N GLN B 75 3.98 -10.34 27.69
CA GLN B 75 5.34 -10.53 28.15
C GLN B 75 6.02 -11.66 27.41
N LYS B 76 5.32 -12.78 27.29
CA LYS B 76 5.84 -13.95 26.59
C LYS B 76 5.83 -13.75 25.07
N SER B 77 4.75 -13.15 24.56
CA SER B 77 4.50 -13.08 23.12
C SER B 77 4.61 -11.66 22.59
N VAL B 78 4.53 -11.50 21.27
CA VAL B 78 4.52 -10.17 20.68
C VAL B 78 3.14 -9.96 20.09
N PHE B 79 2.41 -9.00 20.67
CA PHE B 79 1.00 -8.81 20.37
C PHE B 79 0.69 -7.34 20.08
N TRP B 80 0.25 -7.04 18.87
CA TRP B 80 0.08 -5.66 18.47
C TRP B 80 -1.05 -5.50 17.48
N LEU B 81 -1.39 -4.23 17.23
CA LEU B 81 -2.42 -3.85 16.28
C LEU B 81 -1.69 -3.51 14.98
N GLN B 82 -2.08 -4.16 13.91
CA GLN B 82 -1.32 -4.14 12.65
C GLN B 82 -0.93 -2.73 12.21
N SER B 83 -1.89 -1.82 12.24
CA SER B 83 -1.68 -0.44 11.82
C SER B 83 -0.76 0.40 12.72
N ASP B 84 -0.26 -0.15 13.82
CA ASP B 84 0.68 0.63 14.64
C ASP B 84 2.09 0.45 14.12
N VAL B 85 2.29 -0.57 13.30
CA VAL B 85 3.61 -0.77 12.69
C VAL B 85 3.50 -0.45 11.22
N LYS B 86 3.75 0.82 10.90
CA LYS B 86 3.42 1.35 9.58
C LYS B 86 4.33 0.81 8.49
N GLU B 87 5.50 0.31 8.87
CA GLU B 87 6.46 -0.27 7.93
C GLU B 87 5.80 -1.26 6.99
N VAL B 88 4.79 -1.96 7.49
CA VAL B 88 4.13 -2.98 6.67
C VAL B 88 3.53 -2.44 5.37
N MSE B 89 3.08 -1.18 5.37
CA MSE B 89 2.53 -0.54 4.17
C MSE B 89 3.60 -0.28 3.12
O MSE B 89 3.38 -0.46 1.92
CB MSE B 89 1.90 0.79 4.52
CG MSE B 89 0.64 0.65 5.32
SE MSE B 89 -0.87 0.37 4.13
CE MSE B 89 -0.70 -1.39 3.43
N GLU B 90 4.77 0.14 3.57
CA GLU B 90 5.87 0.39 2.69
C GLU B 90 6.34 -0.92 2.08
N LEU B 91 6.45 -1.98 2.91
CA LEU B 91 6.86 -3.28 2.40
C LEU B 91 5.89 -3.85 1.37
N TYR B 92 4.60 -3.69 1.65
CA TYR B 92 3.53 -4.09 0.74
C TYR B 92 3.71 -3.51 -0.67
N TRP B 93 3.99 -2.21 -0.77
CA TRP B 93 4.27 -1.59 -2.07
C TRP B 93 5.53 -2.17 -2.73
N ILE B 94 6.59 -2.36 -1.95
CA ILE B 94 7.78 -2.98 -2.50
C ILE B 94 7.54 -4.40 -3.03
N LEU B 95 6.85 -5.23 -2.23
CA LEU B 95 6.52 -6.59 -2.66
C LEU B 95 5.67 -6.65 -3.92
N SER B 96 4.87 -5.61 -4.15
CA SER B 96 4.00 -5.60 -5.32
C SER B 96 4.82 -5.63 -6.60
N GLN B 97 6.03 -5.10 -6.54
CA GLN B 97 6.90 -5.05 -7.70
C GLN B 97 7.42 -6.43 -8.04
N PHE B 98 7.34 -7.34 -7.07
CA PHE B 98 7.80 -8.70 -7.26
C PHE B 98 6.64 -9.68 -7.33
N THR B 99 5.43 -9.17 -7.47
CA THR B 99 4.26 -10.05 -7.52
C THR B 99 3.68 -10.09 -8.93
N PRO B 100 3.81 -11.23 -9.64
CA PRO B 100 3.17 -11.29 -10.96
C PRO B 100 1.64 -11.32 -10.80
N MSE B 101 0.94 -10.65 -11.71
CA MSE B 101 -0.52 -10.59 -11.71
C MSE B 101 -1.21 -11.95 -11.59
O MSE B 101 -2.17 -12.09 -10.83
CB MSE B 101 -1.03 -9.86 -12.95
CG MSE B 101 -0.86 -8.35 -12.86
SE MSE B 101 -1.91 -7.51 -11.42
CE MSE B 101 -3.63 -7.51 -12.32
N GLY B 102 -0.73 -12.95 -12.34
CA GLY B 102 -1.35 -14.27 -12.37
C GLY B 102 -1.47 -14.92 -10.99
N LEU B 103 -0.51 -14.63 -10.12
CA LEU B 103 -0.58 -15.14 -8.77
C LEU B 103 -1.84 -14.65 -8.03
N LEU B 104 -2.23 -13.41 -8.28
CA LEU B 104 -3.34 -12.80 -7.55
C LEU B 104 -4.65 -13.09 -8.25
N GLU B 105 -4.60 -13.21 -9.58
CA GLU B 105 -5.78 -13.57 -10.36
C GLU B 105 -6.24 -14.99 -10.04
N ARG B 106 -5.31 -15.83 -9.59
CA ARG B 106 -5.66 -17.21 -9.27
C ARG B 106 -6.06 -17.41 -7.80
N ALA B 107 -5.87 -16.40 -6.98
CA ALA B 107 -6.25 -16.48 -5.58
C ALA B 107 -7.76 -16.76 -5.48
N HIS B 108 -8.12 -17.80 -4.74
CA HIS B 108 -9.51 -18.22 -4.66
C HIS B 108 -10.37 -17.12 -4.06
N SER B 109 -9.83 -16.40 -3.10
CA SER B 109 -10.57 -15.33 -2.47
C SER B 109 -11.04 -14.27 -3.47
N TYR B 110 -10.28 -14.07 -4.53
CA TYR B 110 -10.67 -13.15 -5.60
C TYR B 110 -11.50 -13.86 -6.67
N LYS B 111 -11.05 -15.04 -7.09
CA LYS B 111 -11.80 -15.82 -8.07
C LYS B 111 -13.22 -16.15 -7.61
N ASP B 112 -13.38 -16.57 -6.36
CA ASP B 112 -14.71 -16.93 -5.88
C ASP B 112 -15.70 -15.77 -5.91
N LYS B 113 -15.19 -14.56 -5.66
CA LYS B 113 -16.01 -13.35 -5.66
C LYS B 113 -16.50 -13.02 -7.05
N VAL B 114 -15.58 -13.03 -8.01
CA VAL B 114 -15.90 -12.72 -9.40
C VAL B 114 -16.82 -13.78 -10.02
N ALA B 115 -16.69 -15.01 -9.55
CA ALA B 115 -17.45 -16.12 -10.11
C ALA B 115 -18.93 -16.04 -9.72
N LYS B 116 -19.21 -15.59 -8.51
CA LYS B 116 -20.59 -15.47 -8.06
C LYS B 116 -21.24 -14.16 -8.50
N GLY B 117 -20.63 -13.49 -9.48
CA GLY B 117 -21.22 -12.32 -10.11
C GLY B 117 -20.76 -10.97 -9.57
N LEU B 118 -20.33 -10.94 -8.32
CA LEU B 118 -19.94 -9.69 -7.67
C LEU B 118 -18.74 -9.00 -8.32
N SER B 119 -18.63 -7.69 -8.08
CA SER B 119 -17.45 -6.94 -8.49
C SER B 119 -16.47 -6.87 -7.33
N ALA B 120 -15.18 -6.90 -7.65
CA ALA B 120 -14.14 -6.89 -6.63
C ALA B 120 -13.38 -5.56 -6.61
N SER B 121 -13.06 -5.11 -5.40
CA SER B 121 -12.26 -3.91 -5.23
C SER B 121 -10.80 -4.31 -5.42
N HIS B 122 -9.98 -3.32 -5.76
CA HIS B 122 -8.54 -3.50 -5.78
C HIS B 122 -8.05 -4.03 -4.44
N GLY B 123 -8.69 -3.57 -3.38
CA GLY B 123 -8.34 -4.01 -2.03
C GLY B 123 -8.46 -5.50 -1.83
N LEU B 124 -9.57 -6.09 -2.29
CA LEU B 124 -9.77 -7.54 -2.23
C LEU B 124 -8.72 -8.28 -3.04
N PHE B 125 -8.45 -7.77 -4.24
CA PHE B 125 -7.47 -8.35 -5.16
C PHE B 125 -6.07 -8.31 -4.55
N SER B 126 -5.76 -7.21 -3.87
CA SER B 126 -4.40 -6.94 -3.41
C SER B 126 -4.07 -7.48 -2.02
N TYR B 127 -5.07 -7.85 -1.24
CA TYR B 127 -4.75 -8.24 0.13
C TYR B 127 -3.78 -9.42 0.36
N PRO B 128 -3.72 -10.40 -0.57
CA PRO B 128 -2.65 -11.40 -0.41
C PRO B 128 -1.25 -10.81 -0.41
N VAL B 129 -1.04 -9.66 -1.07
CA VAL B 129 0.27 -9.02 -1.04
C VAL B 129 0.53 -8.37 0.34
N LEU B 130 -0.51 -7.76 0.92
CA LEU B 130 -0.33 -7.10 2.20
C LEU B 130 -0.08 -8.17 3.24
N MSE B 131 -0.85 -9.25 3.15
CA MSE B 131 -0.64 -10.43 3.99
C MSE B 131 0.77 -11.01 3.81
O MSE B 131 1.38 -11.47 4.78
CB MSE B 131 -1.67 -11.49 3.67
CG MSE B 131 -1.44 -12.82 4.35
SE MSE B 131 -3.13 -13.84 4.38
CE MSE B 131 -2.52 -15.43 5.35
N ALA B 132 1.29 -10.99 2.59
CA ALA B 132 2.67 -11.44 2.40
C ALA B 132 3.64 -10.50 3.12
N ALA B 133 3.33 -9.21 3.10
CA ALA B 133 4.14 -8.26 3.83
C ALA B 133 4.11 -8.56 5.35
N ASP B 134 2.91 -8.84 5.88
CA ASP B 134 2.77 -9.21 7.29
C ASP B 134 3.71 -10.33 7.65
N ILE B 135 3.67 -11.38 6.83
CA ILE B 135 4.47 -12.57 7.07
C ILE B 135 5.98 -12.33 6.93
N LEU B 136 6.38 -11.71 5.82
CA LEU B 136 7.80 -11.57 5.47
C LEU B 136 8.55 -10.54 6.29
N LEU B 137 7.86 -9.47 6.67
CA LEU B 137 8.45 -8.40 7.49
C LEU B 137 9.11 -8.95 8.76
N PHE B 138 8.52 -9.99 9.35
CA PHE B 138 8.98 -10.53 10.64
C PHE B 138 9.77 -11.83 10.58
N ASP B 139 10.24 -12.20 9.39
CA ASP B 139 10.95 -13.46 9.19
C ASP B 139 10.20 -14.68 9.75
N THR B 140 8.90 -14.69 9.55
CA THR B 140 8.04 -15.80 9.94
C THR B 140 8.50 -17.13 9.34
N ARG B 141 8.64 -18.15 10.18
CA ARG B 141 8.88 -19.50 9.69
C ARG B 141 7.58 -20.27 9.48
N ILE B 142 6.59 -20.04 10.35
CA ILE B 142 5.40 -20.86 10.43
C ILE B 142 4.18 -19.96 10.53
N VAL B 143 3.21 -20.17 9.65
CA VAL B 143 1.99 -19.40 9.68
C VAL B 143 0.83 -20.38 9.93
N PRO B 144 0.27 -20.37 11.15
CA PRO B 144 -0.88 -21.24 11.43
C PRO B 144 -2.14 -20.71 10.78
N VAL B 145 -2.71 -21.48 9.86
CA VAL B 145 -3.83 -21.07 9.05
C VAL B 145 -4.86 -22.16 8.78
N GLY B 146 -6.06 -21.73 8.44
CA GLY B 146 -7.07 -22.63 7.95
C GLY B 146 -6.88 -22.92 6.48
N LYS B 147 -7.24 -24.12 6.05
CA LYS B 147 -7.11 -24.49 4.66
C LYS B 147 -7.41 -23.34 3.76
N ASP B 148 -8.41 -22.57 4.13
CA ASP B 148 -8.72 -21.27 3.61
C ASP B 148 -7.49 -20.47 3.14
N GLN B 149 -6.47 -20.43 3.97
CA GLN B 149 -5.39 -19.49 3.86
C GLN B 149 -4.12 -20.09 3.32
N ILE B 150 -4.16 -21.37 2.98
CA ILE B 150 -2.92 -22.01 2.55
C ILE B 150 -2.34 -21.36 1.31
N GLN B 151 -3.20 -21.09 0.34
CA GLN B 151 -2.76 -20.49 -0.90
C GLN B 151 -2.10 -19.13 -0.65
N HIS B 152 -2.64 -18.37 0.29
CA HIS B 152 -2.04 -17.07 0.62
C HIS B 152 -0.60 -17.20 1.09
N VAL B 153 -0.31 -18.19 1.91
CA VAL B 153 1.05 -18.41 2.40
C VAL B 153 1.99 -18.82 1.26
N GLU B 154 1.48 -19.66 0.36
CA GLU B 154 2.21 -20.03 -0.84
C GLU B 154 2.53 -18.82 -1.71
N ILE B 155 1.56 -17.92 -1.84
CA ILE B 155 1.82 -16.67 -2.54
C ILE B 155 2.95 -15.88 -1.86
N ALA B 156 2.91 -15.82 -0.53
CA ALA B 156 3.93 -15.08 0.19
C ALA B 156 5.29 -15.74 -0.05
N ARG B 157 5.26 -17.06 -0.12
CA ARG B 157 6.44 -17.84 -0.40
C ARG B 157 7.00 -17.59 -1.81
N ASP B 158 6.12 -17.44 -2.79
CA ASP B 158 6.56 -17.14 -4.16
C ASP B 158 7.15 -15.73 -4.26
N ILE B 159 6.56 -14.79 -3.56
CA ILE B 159 7.09 -13.43 -3.54
C ILE B 159 8.49 -13.41 -2.93
N ALA B 160 8.64 -14.06 -1.78
CA ALA B 160 9.92 -14.08 -1.06
C ALA B 160 11.01 -14.65 -1.94
N LEU B 161 10.71 -15.77 -2.61
CA LEU B 161 11.65 -16.41 -3.51
C LEU B 161 12.06 -15.47 -4.64
N LYS B 162 11.11 -14.77 -5.22
CA LYS B 162 11.41 -13.80 -6.27
C LYS B 162 12.32 -12.69 -5.73
N VAL B 163 12.00 -12.18 -4.55
CA VAL B 163 12.79 -11.10 -3.96
C VAL B 163 14.22 -11.56 -3.68
N ASN B 164 14.34 -12.74 -3.07
CA ASN B 164 15.64 -13.31 -2.73
C ASN B 164 16.46 -13.60 -3.98
N ASN B 165 15.78 -13.97 -5.07
CA ASN B 165 16.47 -14.21 -6.33
C ASN B 165 17.11 -12.94 -6.87
N GLU B 166 16.49 -11.81 -6.59
CA GLU B 166 16.96 -10.54 -7.12
C GLU B 166 17.97 -9.84 -6.20
N TRP B 167 17.78 -9.98 -4.88
CA TRP B 167 18.49 -9.16 -3.91
C TRP B 167 19.41 -9.91 -2.91
N GLY B 168 19.34 -11.25 -2.91
CA GLY B 168 20.11 -12.03 -1.95
C GLY B 168 19.23 -12.59 -0.84
N GLU B 169 19.83 -12.86 0.32
CA GLU B 169 19.11 -13.45 1.44
C GLU B 169 18.34 -12.37 2.19
N ILE B 170 17.16 -12.04 1.71
CA ILE B 170 16.39 -10.99 2.34
C ILE B 170 15.36 -11.62 3.28
N PHE B 171 14.63 -12.61 2.78
CA PHE B 171 13.48 -13.16 3.49
C PHE B 171 13.60 -14.62 3.84
N THR B 172 13.06 -14.97 4.99
CA THR B 172 12.92 -16.36 5.35
C THR B 172 11.72 -16.91 4.57
N LEU B 173 11.79 -18.15 4.10
CA LEU B 173 10.66 -18.76 3.43
C LEU B 173 9.67 -19.31 4.44
N PRO B 174 8.45 -18.78 4.46
CA PRO B 174 7.45 -19.21 5.43
C PRO B 174 6.72 -20.48 5.01
N GLU B 175 6.10 -21.16 5.97
CA GLU B 175 5.36 -22.39 5.73
C GLU B 175 4.03 -22.34 6.45
N ALA B 176 2.98 -22.80 5.78
CA ALA B 176 1.69 -22.86 6.44
C ALA B 176 1.71 -24.04 7.40
N ARG B 177 1.01 -23.90 8.51
CA ARG B 177 0.73 -25.04 9.36
C ARG B 177 -0.76 -25.10 9.59
N VAL B 178 -1.39 -26.13 9.02
CA VAL B 178 -2.80 -26.36 9.29
C VAL B 178 -2.87 -27.14 10.58
N ASN B 179 -3.61 -26.61 11.54
CA ASN B 179 -3.71 -27.26 12.83
C ASN B 179 -4.78 -28.36 12.79
N GLU B 180 -4.44 -29.53 13.32
CA GLU B 180 -5.27 -30.70 13.13
C GLU B 180 -5.31 -31.57 14.39
N GLU B 181 -6.41 -32.31 14.56
CA GLU B 181 -7.66 -32.03 13.88
C GLU B 181 -8.61 -31.84 15.04
N VAL B 182 -8.76 -30.59 15.46
CA VAL B 182 -9.33 -30.29 16.77
C VAL B 182 -10.79 -30.72 16.94
N ALA B 183 -11.09 -31.26 18.11
CA ALA B 183 -12.44 -31.74 18.44
C ALA B 183 -13.44 -30.63 18.23
N VAL B 184 -14.45 -30.91 17.42
CA VAL B 184 -15.46 -29.93 17.08
C VAL B 184 -16.31 -29.62 18.31
N VAL B 185 -16.80 -28.39 18.37
CA VAL B 185 -17.68 -27.96 19.45
C VAL B 185 -19.11 -27.92 18.94
N VAL B 186 -19.99 -28.63 19.65
CA VAL B 186 -21.37 -28.72 19.23
C VAL B 186 -22.18 -27.47 19.61
N GLY B 187 -22.98 -26.98 18.68
CA GLY B 187 -23.85 -25.84 18.93
C GLY B 187 -25.12 -26.23 19.65
N THR B 188 -25.91 -25.23 20.02
CA THR B 188 -27.14 -25.43 20.80
C THR B 188 -28.15 -26.35 20.11
N ASP B 189 -27.93 -26.64 18.83
CA ASP B 189 -28.89 -27.37 18.01
C ASP B 189 -28.39 -28.72 17.54
N GLY B 190 -27.21 -29.11 17.99
CA GLY B 190 -26.64 -30.40 17.61
C GLY B 190 -25.64 -30.29 16.47
N ALA B 191 -25.74 -29.23 15.69
CA ALA B 191 -24.83 -29.01 14.58
C ALA B 191 -23.59 -28.29 15.07
N LYS B 192 -22.51 -28.39 14.31
CA LYS B 192 -21.27 -27.67 14.63
C LYS B 192 -21.57 -26.23 14.97
N MSE B 193 -21.09 -25.76 16.12
CA MSE B 193 -21.33 -24.39 16.54
C MSE B 193 -20.70 -23.43 15.54
O MSE B 193 -19.51 -23.56 15.21
CB MSE B 193 -20.76 -24.13 17.94
CG MSE B 193 -21.10 -22.76 18.50
SE MSE B 193 -20.44 -22.43 20.33
CE MSE B 193 -21.51 -23.77 21.29
N SER B 194 -21.49 -22.48 15.06
CA SER B 194 -20.99 -21.42 14.20
C SER B 194 -21.97 -20.26 14.17
N LYS B 195 -21.47 -19.07 13.84
CA LYS B 195 -22.29 -17.86 13.81
C LYS B 195 -23.37 -17.94 12.74
N SER B 196 -23.03 -18.55 11.61
CA SER B 196 -23.95 -18.67 10.47
C SER B 196 -25.23 -19.40 10.89
N TYR B 197 -25.07 -20.36 11.80
CA TYR B 197 -26.17 -21.21 12.25
C TYR B 197 -26.98 -20.58 13.39
N GLN B 198 -26.42 -19.55 14.02
CA GLN B 198 -27.02 -18.93 15.19
C GLN B 198 -27.25 -19.97 16.29
N ASN B 199 -26.26 -20.83 16.47
CA ASN B 199 -26.36 -21.89 17.47
C ASN B 199 -25.25 -21.75 18.50
N THR B 200 -24.79 -20.52 18.73
CA THR B 200 -23.57 -20.30 19.51
C THR B 200 -23.81 -20.13 21.00
N ILE B 201 -22.74 -20.30 21.78
CA ILE B 201 -22.72 -19.87 23.16
C ILE B 201 -21.55 -18.89 23.27
N ASP B 202 -21.87 -17.63 23.53
CA ASP B 202 -20.89 -16.54 23.51
C ASP B 202 -20.14 -16.40 24.84
N ILE B 203 -18.92 -15.87 24.74
CA ILE B 203 -18.02 -15.76 25.86
C ILE B 203 -18.21 -14.47 26.63
N PHE B 204 -18.43 -13.39 25.89
CA PHE B 204 -18.48 -12.07 26.48
C PHE B 204 -19.87 -11.43 26.41
N SER B 205 -20.88 -12.22 26.73
CA SER B 205 -22.24 -11.75 26.71
C SER B 205 -22.67 -11.43 28.14
N SER B 206 -23.86 -10.88 28.29
CA SER B 206 -24.44 -10.70 29.61
C SER B 206 -24.93 -12.04 30.07
N GLU B 207 -25.10 -12.20 31.37
CA GLU B 207 -25.68 -13.41 31.95
C GLU B 207 -27.05 -13.71 31.37
N LYS B 208 -27.78 -12.67 31.00
CA LYS B 208 -29.10 -12.81 30.41
C LYS B 208 -29.00 -13.47 29.03
N THR B 209 -28.02 -13.02 28.25
CA THR B 209 -27.82 -13.55 26.91
C THR B 209 -27.30 -14.99 26.93
N LEU B 210 -26.45 -15.30 27.90
CA LEU B 210 -25.97 -16.67 28.10
C LEU B 210 -27.12 -17.61 28.52
N LYS B 211 -27.92 -17.17 29.49
CA LYS B 211 -29.10 -17.93 29.92
C LYS B 211 -30.00 -18.26 28.73
N LYS B 212 -30.19 -17.27 27.86
CA LYS B 212 -31.03 -17.41 26.67
C LYS B 212 -30.44 -18.44 25.71
N GLN B 213 -29.14 -18.35 25.47
CA GLN B 213 -28.46 -19.26 24.55
C GLN B 213 -28.48 -20.68 25.08
N ILE B 214 -28.18 -20.83 26.37
CA ILE B 214 -28.15 -22.15 26.97
C ILE B 214 -29.53 -22.77 27.01
N SER B 215 -30.55 -21.94 27.24
CA SER B 215 -31.92 -22.41 27.30
C SER B 215 -32.34 -23.04 25.98
N SER B 216 -31.75 -22.55 24.90
CA SER B 216 -32.11 -22.97 23.55
C SER B 216 -31.50 -24.30 23.17
N ILE B 217 -30.67 -24.87 24.05
CA ILE B 217 -30.00 -26.13 23.74
C ILE B 217 -31.03 -27.25 23.54
N VAL B 218 -30.86 -28.00 22.47
CA VAL B 218 -31.76 -29.10 22.11
C VAL B 218 -31.61 -30.30 23.05
N THR B 219 -32.70 -30.68 23.71
CA THR B 219 -32.71 -31.83 24.60
C THR B 219 -33.60 -32.98 24.06
N ASP B 220 -33.63 -34.09 24.81
CA ASP B 220 -34.49 -35.22 24.48
C ASP B 220 -35.73 -35.18 25.35
N SER B 221 -36.80 -35.81 24.88
CA SER B 221 -38.01 -35.90 25.68
C SER B 221 -37.91 -37.06 26.65
N THR B 222 -37.22 -36.83 27.76
CA THR B 222 -37.16 -37.80 28.83
C THR B 222 -37.79 -37.17 30.07
N ALA B 223 -38.67 -37.92 30.71
CA ALA B 223 -39.35 -37.48 31.92
C ALA B 223 -38.36 -36.94 32.94
N LEU B 224 -38.83 -36.01 33.77
CA LEU B 224 -38.02 -35.32 34.77
C LEU B 224 -37.17 -36.27 35.60
N GLU B 225 -37.84 -37.20 36.29
CA GLU B 225 -37.21 -38.10 37.23
C GLU B 225 -36.35 -39.20 36.60
N ASP B 226 -36.54 -39.49 35.32
CA ASP B 226 -35.86 -40.63 34.71
C ASP B 226 -34.39 -40.37 34.38
N PRO B 227 -33.58 -41.44 34.39
CA PRO B 227 -32.18 -41.35 33.97
C PRO B 227 -32.04 -40.74 32.59
N LYS B 228 -31.03 -39.89 32.42
CA LYS B 228 -30.77 -39.23 31.15
C LYS B 228 -29.57 -39.88 30.46
N ASP B 229 -29.60 -39.88 29.13
CA ASP B 229 -28.52 -40.43 28.35
C ASP B 229 -27.49 -39.36 28.03
N HIS B 230 -26.37 -39.40 28.73
CA HIS B 230 -25.34 -38.38 28.61
C HIS B 230 -24.57 -38.45 27.29
N GLU B 231 -24.71 -39.57 26.59
CA GLU B 231 -23.99 -39.78 25.34
C GLU B 231 -24.62 -39.04 24.16
N ASN B 232 -25.91 -38.72 24.26
CA ASN B 232 -26.61 -38.01 23.20
C ASN B 232 -27.02 -36.58 23.57
N CYS B 233 -26.71 -36.18 24.79
CA CYS B 233 -27.15 -34.90 25.31
C CYS B 233 -26.18 -33.78 24.97
N ASN B 234 -26.70 -32.72 24.36
CA ASN B 234 -25.87 -31.57 24.00
C ASN B 234 -25.49 -30.74 25.21
N ILE B 235 -26.31 -30.78 26.25
CA ILE B 235 -25.93 -30.11 27.49
C ILE B 235 -24.67 -30.79 27.99
N PHE B 236 -24.72 -32.12 28.09
CA PHE B 236 -23.57 -32.85 28.59
C PHE B 236 -22.34 -32.64 27.70
N LYS B 237 -22.52 -32.79 26.38
CA LYS B 237 -21.41 -32.61 25.43
C LYS B 237 -20.75 -31.25 25.59
N ILE B 238 -21.56 -30.20 25.82
CA ILE B 238 -21.01 -28.87 26.03
C ILE B 238 -20.42 -28.70 27.43
N ALA B 239 -21.04 -29.31 28.44
CA ALA B 239 -20.52 -29.24 29.80
C ALA B 239 -19.12 -29.84 29.90
N LYS B 240 -18.86 -30.90 29.14
CA LYS B 240 -17.59 -31.62 29.15
C LYS B 240 -16.38 -30.69 29.01
N LEU B 241 -16.57 -29.63 28.22
CA LEU B 241 -15.51 -28.70 27.86
C LEU B 241 -14.98 -27.96 29.08
N PHE B 242 -15.83 -27.85 30.10
CA PHE B 242 -15.53 -27.05 31.27
C PHE B 242 -15.22 -27.92 32.48
N LEU B 243 -15.27 -29.23 32.29
CA LEU B 243 -15.08 -30.19 33.38
C LEU B 243 -13.85 -31.08 33.16
N ASP B 244 -13.14 -31.34 34.25
CA ASP B 244 -12.05 -32.32 34.25
C ASP B 244 -12.66 -33.72 34.24
N GLU B 245 -11.82 -34.75 34.14
CA GLU B 245 -12.32 -36.12 34.00
C GLU B 245 -13.26 -36.55 35.14
N SER B 246 -12.92 -36.15 36.37
CA SER B 246 -13.74 -36.50 37.52
C SER B 246 -14.94 -35.56 37.69
N GLY B 247 -14.84 -34.37 37.10
CA GLY B 247 -15.97 -33.45 37.06
C GLY B 247 -17.05 -34.01 36.16
N GLN B 248 -16.62 -34.53 35.02
CA GLN B 248 -17.54 -35.12 34.04
C GLN B 248 -18.17 -36.35 34.65
N LYS B 249 -17.34 -37.11 35.34
CA LYS B 249 -17.79 -38.33 35.99
C LYS B 249 -18.89 -38.02 37.01
N GLU B 250 -18.70 -36.97 37.82
CA GLU B 250 -19.72 -36.59 38.78
C GLU B 250 -21.01 -36.14 38.09
N LEU B 251 -20.90 -35.42 36.98
CA LEU B 251 -22.09 -35.07 36.19
C LEU B 251 -22.75 -36.32 35.60
N GLN B 252 -21.95 -37.20 35.03
CA GLN B 252 -22.47 -38.42 34.44
C GLN B 252 -23.21 -39.27 35.45
N ILE B 253 -22.76 -39.24 36.69
CA ILE B 253 -23.43 -39.99 37.75
C ILE B 253 -24.79 -39.38 37.96
N ARG B 254 -24.85 -38.05 37.89
CA ARG B 254 -26.10 -37.32 38.07
C ARG B 254 -27.10 -37.65 36.95
N TYR B 255 -26.57 -37.78 35.73
CA TYR B 255 -27.36 -38.23 34.57
C TYR B 255 -27.91 -39.63 34.75
N GLU B 256 -27.04 -40.60 35.02
CA GLU B 256 -27.44 -41.99 35.16
C GLU B 256 -28.35 -42.23 36.38
N LYS B 257 -28.20 -41.42 37.42
CA LYS B 257 -28.99 -41.59 38.63
C LYS B 257 -30.47 -41.23 38.40
N GLY B 258 -30.73 -40.24 37.56
CA GLY B 258 -32.07 -39.71 37.41
C GLY B 258 -32.40 -38.81 38.57
N GLY B 259 -33.63 -38.31 38.64
CA GLY B 259 -34.02 -37.43 39.73
C GLY B 259 -33.72 -35.95 39.44
N GLU B 260 -32.88 -35.69 38.44
CA GLU B 260 -32.64 -34.32 37.96
C GLU B 260 -32.99 -34.16 36.48
N GLY B 261 -33.76 -33.12 36.17
CA GLY B 261 -34.22 -32.90 34.81
C GLY B 261 -33.25 -32.06 34.01
N TYR B 262 -33.50 -31.96 32.70
CA TYR B 262 -32.63 -31.21 31.81
C TYR B 262 -32.65 -29.70 32.11
N GLY B 263 -33.78 -29.22 32.62
CA GLY B 263 -33.91 -27.83 33.03
C GLY B 263 -32.87 -27.55 34.10
N HIS B 264 -32.75 -28.45 35.06
CA HIS B 264 -31.76 -28.27 36.09
C HIS B 264 -30.32 -28.41 35.57
N PHE B 265 -30.08 -29.33 34.65
CA PHE B 265 -28.74 -29.44 34.06
C PHE B 265 -28.35 -28.17 33.28
N LYS B 266 -29.32 -27.54 32.64
CA LYS B 266 -29.07 -26.28 31.94
C LYS B 266 -28.69 -25.21 32.95
N ILE B 267 -29.42 -25.17 34.07
CA ILE B 267 -29.13 -24.25 35.16
C ILE B 267 -27.69 -24.43 35.63
N TYR B 268 -27.32 -25.70 35.81
CA TYR B 268 -25.95 -26.10 36.13
C TYR B 268 -24.96 -25.61 35.05
N LEU B 269 -25.30 -25.81 33.78
CA LEU B 269 -24.40 -25.39 32.70
C LEU B 269 -24.13 -23.91 32.77
N ASN B 270 -25.17 -23.11 33.03
CA ASN B 270 -24.99 -21.68 33.25
C ASN B 270 -23.94 -21.36 34.31
N GLU B 271 -24.05 -22.02 35.46
CA GLU B 271 -23.08 -21.86 36.54
C GLU B 271 -21.65 -22.19 36.10
N LEU B 272 -21.49 -23.29 35.37
CA LEU B 272 -20.18 -23.68 34.84
C LEU B 272 -19.60 -22.62 33.92
N VAL B 273 -20.38 -22.19 32.94
CA VAL B 273 -19.89 -21.21 31.97
C VAL B 273 -19.58 -19.86 32.63
N ASN B 274 -20.49 -19.38 33.49
CA ASN B 274 -20.26 -18.10 34.15
C ASN B 274 -19.04 -18.08 35.04
N ALA B 275 -18.76 -19.20 35.69
CA ALA B 275 -17.64 -19.27 36.62
C ALA B 275 -16.33 -19.41 35.87
N TYR B 276 -16.36 -20.21 34.79
CA TYR B 276 -15.18 -20.47 33.99
C TYR B 276 -14.66 -19.19 33.29
N PHE B 277 -15.58 -18.33 32.88
CA PHE B 277 -15.18 -17.14 32.13
C PHE B 277 -15.24 -15.86 32.96
N LYS B 278 -15.54 -16.02 34.23
CA LYS B 278 -15.77 -14.89 35.10
C LYS B 278 -14.59 -13.92 35.08
N GLU B 279 -13.39 -14.46 35.22
CA GLU B 279 -12.20 -13.62 35.30
C GLU B 279 -11.91 -12.95 33.95
N ALA B 280 -12.03 -13.71 32.87
CA ALA B 280 -11.81 -13.18 31.53
C ALA B 280 -12.79 -12.04 31.22
N ARG B 281 -14.06 -12.24 31.52
CA ARG B 281 -15.09 -11.21 31.30
C ARG B 281 -14.80 -9.93 32.08
N GLU B 282 -14.40 -10.07 33.34
CA GLU B 282 -14.09 -8.90 34.16
C GLU B 282 -12.89 -8.16 33.61
N LYS B 283 -11.89 -8.91 33.17
CA LYS B 283 -10.69 -8.31 32.58
C LYS B 283 -11.03 -7.61 31.23
N TYR B 284 -11.86 -8.29 30.44
CA TYR B 284 -12.33 -7.76 29.16
C TYR B 284 -13.01 -6.41 29.33
N ASN B 285 -14.02 -6.37 30.20
CA ASN B 285 -14.74 -5.15 30.51
C ASN B 285 -13.86 -4.03 31.05
N GLU B 286 -12.94 -4.38 31.94
CA GLU B 286 -11.96 -3.42 32.47
C GLU B 286 -11.12 -2.79 31.34
N LEU B 287 -10.63 -3.59 30.42
CA LEU B 287 -9.80 -3.09 29.33
C LEU B 287 -10.58 -2.17 28.39
N LEU B 288 -11.90 -2.34 28.32
CA LEU B 288 -12.73 -1.49 27.47
C LEU B 288 -13.19 -0.23 28.18
N GLU B 289 -13.33 -0.31 29.50
CA GLU B 289 -13.79 0.83 30.30
C GLU B 289 -12.65 1.80 30.60
N LYS B 290 -11.44 1.27 30.75
CA LYS B 290 -10.26 2.12 30.92
C LYS B 290 -9.32 1.94 29.76
N PRO B 291 -9.54 2.71 28.68
CA PRO B 291 -8.83 2.57 27.40
C PRO B 291 -7.31 2.68 27.55
N SER B 292 -6.85 3.50 28.51
CA SER B 292 -5.41 3.74 28.65
C SER B 292 -4.64 2.45 28.94
N HIS B 293 -5.26 1.51 29.66
CA HIS B 293 -4.56 0.28 29.99
C HIS B 293 -4.35 -0.59 28.74
N LEU B 294 -5.38 -0.66 27.88
CA LEU B 294 -5.27 -1.45 26.67
C LEU B 294 -4.24 -0.81 25.75
N LYS B 295 -4.27 0.51 25.65
CA LYS B 295 -3.30 1.26 24.85
C LYS B 295 -1.85 1.00 25.28
N GLU B 296 -1.61 1.02 26.58
N GLU B 296 -1.60 1.02 26.58
CA GLU B 296 -0.29 0.71 27.17
CA GLU B 296 -0.28 0.75 27.14
C GLU B 296 0.22 -0.63 26.67
C GLU B 296 0.23 -0.64 26.71
N ILE B 297 -0.66 -1.62 26.71
CA ILE B 297 -0.33 -2.98 26.34
C ILE B 297 -0.09 -3.10 24.83
N LEU B 298 -0.98 -2.52 24.02
CA LEU B 298 -0.79 -2.51 22.57
C LEU B 298 0.46 -1.71 22.18
N ASP B 299 0.75 -0.63 22.90
CA ASP B 299 1.93 0.19 22.59
C ASP B 299 3.20 -0.58 22.85
N PHE B 300 3.23 -1.33 23.94
CA PHE B 300 4.35 -2.20 24.25
C PHE B 300 4.58 -3.27 23.20
N GLY B 301 3.52 -3.96 22.79
CA GLY B 301 3.61 -4.98 21.77
C GLY B 301 4.16 -4.37 20.49
N ALA B 302 3.64 -3.20 20.13
CA ALA B 302 4.05 -2.53 18.90
C ALA B 302 5.55 -2.19 18.90
N THR B 303 6.12 -1.85 20.06
CA THR B 303 7.54 -1.49 20.11
C THR B 303 8.42 -2.70 19.85
N LYS B 304 7.97 -3.87 20.28
CA LYS B 304 8.76 -5.09 20.07
C LYS B 304 8.70 -5.50 18.61
N ALA B 305 7.53 -5.39 18.00
CA ALA B 305 7.37 -5.77 16.60
C ALA B 305 8.05 -4.73 15.71
N ARG B 306 7.89 -3.45 16.04
CA ARG B 306 8.47 -2.34 15.26
C ARG B 306 10.00 -2.40 15.19
N LYS B 307 10.64 -2.84 16.26
CA LYS B 307 12.09 -2.91 16.26
C LYS B 307 12.54 -3.93 15.22
N ILE B 308 11.79 -5.01 15.13
CA ILE B 308 12.09 -6.06 14.18
C ILE B 308 11.81 -5.58 12.77
N ALA B 309 10.66 -4.91 12.60
CA ALA B 309 10.30 -4.35 11.30
C ALA B 309 11.30 -3.31 10.83
N GLN B 310 11.82 -2.50 11.75
CA GLN B 310 12.77 -1.46 11.38
C GLN B 310 14.07 -2.07 10.90
N GLU B 311 14.49 -3.13 11.58
CA GLU B 311 15.71 -3.83 11.17
C GLU B 311 15.55 -4.42 9.75
N LYS B 312 14.39 -4.99 9.45
CA LYS B 312 14.17 -5.56 8.13
C LYS B 312 14.17 -4.44 7.09
N MSE B 313 13.44 -3.37 7.40
CA MSE B 313 13.37 -2.24 6.47
C MSE B 313 14.72 -1.57 6.18
O MSE B 313 14.93 -1.09 5.07
CB MSE B 313 12.34 -1.20 6.89
CG MSE B 313 10.87 -1.72 6.86
SE MSE B 313 10.34 -2.72 5.22
CE MSE B 313 10.25 -1.27 3.92
N GLN B 314 15.63 -1.56 7.14
CA GLN B 314 16.97 -1.01 6.92
C GLN B 314 17.68 -1.80 5.81
N LYS B 315 17.50 -3.12 5.82
CA LYS B 315 18.05 -3.97 4.78
C LYS B 315 17.35 -3.74 3.45
N ILE B 316 16.02 -3.67 3.49
CA ILE B 316 15.25 -3.43 2.27
C ILE B 316 15.61 -2.09 1.64
N TYR B 317 15.78 -1.07 2.47
CA TYR B 317 16.11 0.27 2.00
C TYR B 317 17.42 0.30 1.22
N GLU B 318 18.39 -0.46 1.69
CA GLU B 318 19.66 -0.53 0.99
C GLU B 318 19.48 -1.11 -0.42
N LYS B 319 18.52 -2.03 -0.57
CA LYS B 319 18.31 -2.67 -1.87
C LYS B 319 17.42 -1.88 -2.83
N ILE B 320 16.51 -1.07 -2.30
CA ILE B 320 15.54 -0.37 -3.15
C ILE B 320 15.92 1.10 -3.33
N GLY B 321 16.91 1.55 -2.57
CA GLY B 321 17.48 2.86 -2.75
C GLY B 321 16.91 3.95 -1.87
N LEU B 322 16.32 3.56 -0.74
CA LEU B 322 15.71 4.55 0.15
C LEU B 322 16.67 4.89 1.27
PB ADP C . 9.90 11.90 -22.62
O1B ADP C . 9.76 12.71 -23.80
O2B ADP C . 11.25 11.44 -22.70
O3B ADP C . 9.19 10.68 -22.94
PA ADP C . 8.26 12.61 -20.61
O1A ADP C . 8.32 11.83 -19.40
O2A ADP C . 7.25 11.86 -21.39
O3A ADP C . 9.64 12.59 -21.30
O5' ADP C . 7.75 14.03 -20.26
C5' ADP C . 6.49 14.37 -20.64
C4' ADP C . 6.32 15.83 -20.37
O4' ADP C . 7.31 16.65 -20.89
C3' ADP C . 5.03 16.32 -20.91
O3' ADP C . 4.65 17.41 -20.21
C2' ADP C . 5.41 16.79 -22.22
O2' ADP C . 4.62 17.84 -22.57
C1' ADP C . 6.79 17.23 -22.01
N9 ADP C . 7.53 16.86 -23.16
C8 ADP C . 8.30 15.76 -23.29
N7 ADP C . 8.84 15.71 -24.48
C5 ADP C . 8.44 16.79 -25.20
C6 ADP C . 8.67 17.25 -26.49
N6 ADP C . 9.50 16.57 -27.38
N1 ADP C . 8.07 18.36 -26.85
C2 ADP C . 7.28 19.03 -26.04
N3 ADP C . 7.04 18.63 -24.82
C4 ADP C . 7.59 17.53 -24.37
N TRP D . 2.59 9.31 -13.35
CA TRP D . 3.35 10.55 -13.45
C TRP D . 4.31 10.50 -14.64
O TRP D . 4.96 11.51 -14.94
CB TRP D . 4.15 10.81 -12.17
CG TRP D . 3.26 10.97 -11.00
CD1 TRP D . 3.22 10.19 -9.88
CD2 TRP D . 2.28 12.01 -10.80
NE1 TRP D . 2.28 10.67 -9.01
CE2 TRP D . 1.69 11.79 -9.55
CE3 TRP D . 1.86 13.09 -11.58
CZ2 TRP D . 0.68 12.61 -9.05
CZ3 TRP D . 0.86 13.92 -11.07
CH2 TRP D . 0.29 13.67 -9.82
OXT TRP D . 4.43 9.46 -15.29
P PO4 E . 28.81 21.10 -43.73
O1 PO4 E . 28.38 21.26 -45.17
O2 PO4 E . 27.68 20.49 -42.94
O3 PO4 E . 30.01 20.19 -43.65
O4 PO4 E . 29.19 22.46 -43.15
P PO4 F . 32.43 20.36 -19.57
O1 PO4 F . 31.93 21.79 -19.51
O2 PO4 F . 31.98 19.60 -18.34
O3 PO4 F . 31.91 19.69 -20.82
O4 PO4 F . 33.94 20.39 -19.65
P PO4 G . -12.10 6.17 -20.92
O1 PO4 G . -13.06 7.26 -21.21
O2 PO4 G . -11.72 6.24 -19.49
O3 PO4 G . -12.70 4.81 -21.16
O4 PO4 G . -10.87 6.37 -21.73
NA NA H . 9.61 8.46 -23.35
PB ADP I . -18.05 -19.23 12.49
O1B ADP I . -18.91 -19.19 13.71
O2B ADP I . -17.91 -17.90 11.80
O3B ADP I . -18.32 -20.38 11.52
PA ADP I . -15.28 -18.68 12.73
O1A ADP I . -15.24 -17.49 13.65
O2A ADP I . -15.23 -18.44 11.23
O3A ADP I . -16.61 -19.53 13.12
O5' ADP I . -14.08 -19.67 13.13
C5' ADP I . -12.79 -19.18 13.47
C4' ADP I . -11.94 -20.31 14.05
O4' ADP I . -12.55 -20.86 15.22
C3' ADP I . -11.77 -21.44 13.05
O3' ADP I . -10.43 -21.42 12.56
C2' ADP I . -12.05 -22.72 13.82
O2' ADP I . -10.84 -23.45 14.03
C1' ADP I . -12.57 -22.28 15.18
N9 ADP I . -13.96 -22.78 15.38
C8 ADP I . -15.09 -22.11 15.08
N7 ADP I . -16.20 -22.83 15.39
C5 ADP I . -15.77 -23.99 15.90
C6 ADP I . -16.42 -25.22 16.44
N6 ADP I . -17.78 -25.31 16.47
N1 ADP I . -15.62 -26.21 16.89
C2 ADP I . -14.28 -26.11 16.84
N3 ADP I . -13.61 -25.02 16.37
C4 ADP I . -14.31 -23.96 15.90
N TRP J . -6.03 -13.42 6.24
CA TRP J . -6.12 -13.88 7.62
C TRP J . -7.55 -14.29 7.96
O TRP J . -7.81 -14.90 9.01
CB TRP J . -5.63 -12.80 8.60
CG TRP J . -4.20 -12.40 8.35
CD1 TRP J . -3.74 -11.23 7.84
CD2 TRP J . -3.06 -13.24 8.55
NE1 TRP J . -2.36 -11.27 7.73
CE2 TRP J . -1.92 -12.50 8.15
CE3 TRP J . -2.89 -14.55 9.03
CZ2 TRP J . -0.63 -13.02 8.24
CZ3 TRP J . -1.60 -15.07 9.10
CH2 TRP J . -0.49 -14.30 8.71
OXT TRP J . -8.47 -14.01 7.19
P PO4 K . -18.82 -7.46 12.61
O1 PO4 K . -19.08 -6.08 12.04
O2 PO4 K . -18.85 -7.36 14.11
O3 PO4 K . -19.90 -8.40 12.14
O4 PO4 K . -17.47 -7.96 12.12
NA NA L . -19.79 -19.24 10.12
#